data_5QAD
#
_entry.id   5QAD
#
_cell.length_a   88.919
_cell.length_b   108.895
_cell.length_c   124.888
_cell.angle_alpha   90.000
_cell.angle_beta   90.000
_cell.angle_gamma   90.000
#
_symmetry.space_group_name_H-M   'P 21 21 21'
#
loop_
_entity.id
_entity.type
_entity.pdbx_description
1 polymer Beta-lactamase
2 non-polymer '3-(2-fluorophenyl)benzoic acid'
3 non-polymer 1,2-ETHANEDIOL
4 non-polymer 'CHLORIDE ION'
5 water water
#
_entity_poly.entity_id   1
_entity_poly.type   'polypeptide(L)'
_entity_poly.pdbx_seq_one_letter_code
;KEWQENKSWNAHFTEHKSQGVVVLWNENKQQGFTNNLKRANQAFLPASTF(KCX)IPNSLIALDLGVVKDEHQVFKWDGQ
TRDIATWNRDHNLITAMKYSVVPVYQEFARQIGEARMSKMLHAFDYGNEDISGNVDSFWLDGGIRISATEQISFLRKLYH
NKLHVSERSQRIVKQAMLTEANGDYIIRAKTGYSTRIEPKIGWWVGWVELDDNVWFFAMNMDMPTSDGLGLRQAITKEVL
KQEKIIP
;
_entity_poly.pdbx_strand_id   A,B,C,D
#
loop_
_chem_comp.id
_chem_comp.type
_chem_comp.name
_chem_comp.formula
CL non-polymer 'CHLORIDE ION' 'Cl -1'
EDO non-polymer 1,2-ETHANEDIOL 'C2 H6 O2'
WVV non-polymer '3-(2-fluorophenyl)benzoic acid' 'C13 H9 F O2'
#
# COMPACT_ATOMS: atom_id res chain seq x y z
N GLU A 2 -31.68 -44.14 -7.86
CA GLU A 2 -31.16 -43.30 -6.79
C GLU A 2 -30.45 -42.07 -7.34
N TRP A 3 -29.75 -42.25 -8.47
CA TRP A 3 -28.97 -41.18 -9.10
C TRP A 3 -29.36 -41.08 -10.56
N GLN A 4 -29.61 -39.85 -11.01
CA GLN A 4 -29.91 -39.59 -12.41
C GLN A 4 -28.97 -38.52 -12.95
N GLU A 5 -28.47 -38.78 -14.16
CA GLU A 5 -27.58 -37.87 -14.87
C GLU A 5 -28.35 -37.19 -15.99
N ASN A 6 -28.26 -35.86 -16.06
CA ASN A 6 -28.92 -35.08 -17.11
C ASN A 6 -27.85 -34.25 -17.80
N LYS A 7 -27.31 -34.77 -18.90
CA LYS A 7 -26.20 -34.07 -19.55
C LYS A 7 -26.64 -32.74 -20.15
N SER A 8 -27.93 -32.52 -20.34
CA SER A 8 -28.39 -31.25 -20.89
C SER A 8 -28.06 -30.09 -19.96
N TRP A 9 -27.91 -30.35 -18.67
CA TRP A 9 -27.54 -29.30 -17.72
C TRP A 9 -26.14 -28.75 -17.95
N ASN A 10 -25.31 -29.44 -18.74
CA ASN A 10 -23.98 -28.92 -19.04
C ASN A 10 -24.05 -27.53 -19.65
N ALA A 11 -25.16 -27.21 -20.32
CA ALA A 11 -25.32 -25.89 -20.92
C ALA A 11 -25.15 -24.77 -19.91
N HIS A 12 -25.54 -25.00 -18.65
CA HIS A 12 -25.36 -23.96 -17.64
C HIS A 12 -23.90 -23.52 -17.55
N PHE A 13 -22.97 -24.45 -17.76
CA PHE A 13 -21.55 -24.13 -17.71
C PHE A 13 -20.98 -23.72 -19.06
N THR A 14 -21.29 -24.47 -20.12
CA THR A 14 -20.68 -24.21 -21.42
C THR A 14 -21.12 -22.87 -22.00
N GLU A 15 -22.33 -22.41 -21.67
CA GLU A 15 -22.77 -21.10 -22.11
C GLU A 15 -21.89 -19.98 -21.55
N HIS A 16 -21.16 -20.23 -20.46
CA HIS A 16 -20.19 -19.29 -19.92
C HIS A 16 -18.75 -19.67 -20.28
N LYS A 17 -18.58 -20.50 -21.30
CA LYS A 17 -17.26 -20.94 -21.75
C LYS A 17 -16.51 -21.62 -20.61
N SER A 18 -17.25 -22.39 -19.81
CA SER A 18 -16.70 -23.07 -18.65
C SER A 18 -17.14 -24.54 -18.67
N GLN A 19 -16.70 -25.28 -17.65
CA GLN A 19 -17.08 -26.66 -17.41
C GLN A 19 -17.22 -26.84 -15.91
N GLY A 20 -18.12 -27.70 -15.49
CA GLY A 20 -18.28 -27.94 -14.07
C GLY A 20 -19.30 -29.02 -13.79
N VAL A 21 -19.63 -29.17 -12.51
CA VAL A 21 -20.61 -30.14 -12.05
C VAL A 21 -21.48 -29.51 -10.98
N VAL A 22 -22.78 -29.80 -11.05
N VAL A 22 -22.78 -29.80 -11.04
CA VAL A 22 -23.70 -29.51 -9.96
CA VAL A 22 -23.72 -29.51 -9.97
C VAL A 22 -24.29 -30.84 -9.51
C VAL A 22 -24.31 -30.84 -9.51
N VAL A 23 -24.36 -31.05 -8.20
CA VAL A 23 -24.97 -32.22 -7.60
C VAL A 23 -26.07 -31.74 -6.67
N LEU A 24 -27.28 -32.30 -6.85
CA LEU A 24 -28.43 -31.98 -6.01
C LEU A 24 -28.90 -33.25 -5.31
N TRP A 25 -29.38 -33.10 -4.07
CA TRP A 25 -29.92 -34.24 -3.31
C TRP A 25 -31.24 -33.85 -2.67
N ASN A 26 -32.31 -34.57 -3.02
CA ASN A 26 -33.64 -34.39 -2.47
C ASN A 26 -33.75 -35.21 -1.20
N GLU A 27 -33.77 -34.55 -0.03
CA GLU A 27 -33.72 -35.29 1.23
C GLU A 27 -34.98 -36.12 1.43
N ASN A 28 -36.16 -35.56 1.15
CA ASN A 28 -37.40 -36.31 1.35
C ASN A 28 -37.43 -37.58 0.50
N LYS A 29 -37.03 -37.48 -0.77
CA LYS A 29 -37.10 -38.61 -1.69
C LYS A 29 -35.84 -39.46 -1.72
N GLN A 30 -34.75 -39.01 -1.10
CA GLN A 30 -33.49 -39.74 -1.10
C GLN A 30 -33.04 -40.06 -2.52
N GLN A 31 -33.01 -39.02 -3.36
CA GLN A 31 -32.63 -39.13 -4.77
C GLN A 31 -31.66 -38.02 -5.12
N GLY A 32 -30.67 -38.36 -5.94
CA GLY A 32 -29.67 -37.40 -6.38
C GLY A 32 -29.72 -37.13 -7.87
N PHE A 33 -29.22 -35.96 -8.28
CA PHE A 33 -29.24 -35.49 -9.66
C PHE A 33 -27.94 -34.76 -9.96
N THR A 34 -27.39 -34.98 -11.16
CA THR A 34 -26.18 -34.28 -11.55
C THR A 34 -26.08 -34.22 -13.07
N ASN A 35 -25.28 -33.28 -13.57
CA ASN A 35 -24.99 -33.21 -14.99
C ASN A 35 -23.85 -34.12 -15.42
N ASN A 36 -23.03 -34.60 -14.47
CA ASN A 36 -21.81 -35.32 -14.83
C ASN A 36 -21.43 -36.24 -13.66
N LEU A 37 -21.80 -37.52 -13.77
CA LEU A 37 -21.52 -38.47 -12.69
C LEU A 37 -20.03 -38.62 -12.45
N LYS A 38 -19.21 -38.55 -13.50
CA LYS A 38 -17.77 -38.71 -13.31
C LYS A 38 -17.20 -37.56 -12.49
N ARG A 39 -17.45 -36.32 -12.92
CA ARG A 39 -16.89 -35.19 -12.20
C ARG A 39 -17.52 -35.05 -10.81
N ALA A 40 -18.76 -35.51 -10.64
CA ALA A 40 -19.37 -35.50 -9.32
C ALA A 40 -18.57 -36.31 -8.31
N ASN A 41 -17.79 -37.29 -8.78
CA ASN A 41 -17.01 -38.15 -7.91
C ASN A 41 -15.50 -37.90 -8.00
N GLN A 42 -15.08 -36.88 -8.74
CA GLN A 42 -13.68 -36.50 -8.79
C GLN A 42 -13.34 -35.59 -7.61
N ALA A 43 -12.17 -35.83 -7.00
CA ALA A 43 -11.79 -35.19 -5.75
C ALA A 43 -10.88 -33.99 -6.01
N PHE A 44 -11.25 -32.84 -5.43
CA PHE A 44 -10.49 -31.60 -5.56
C PHE A 44 -10.08 -31.09 -4.17
N LEU A 45 -9.13 -30.16 -4.17
CA LEU A 45 -8.87 -29.43 -2.92
C LEU A 45 -10.15 -28.77 -2.44
N PRO A 46 -10.46 -28.83 -1.14
CA PRO A 46 -11.68 -28.18 -0.65
C PRO A 46 -11.54 -26.66 -0.56
N ALA A 47 -10.31 -26.17 -0.42
CA ALA A 47 -10.08 -24.75 -0.22
C ALA A 47 -11.00 -24.22 0.87
N SER A 48 -11.63 -23.06 0.65
CA SER A 48 -12.35 -22.43 1.75
C SER A 48 -13.63 -23.17 2.14
N THR A 49 -14.09 -24.18 1.40
CA THR A 49 -15.18 -24.99 1.94
C THR A 49 -14.73 -25.76 3.18
N PHE A 50 -13.42 -25.89 3.39
CA PHE A 50 -12.89 -26.55 4.57
C PHE A 50 -13.16 -25.74 5.84
N KCX A 51 -13.59 -24.50 5.69
CA KCX A 51 -13.90 -23.69 6.87
CB KCX A 51 -14.15 -22.24 6.47
CG KCX A 51 -12.85 -21.52 6.05
CD KCX A 51 -13.02 -20.04 5.80
CE KCX A 51 -11.67 -19.37 5.51
NZ KCX A 51 -11.05 -19.87 4.24
C KCX A 51 -15.08 -24.29 7.64
O KCX A 51 -15.24 -24.00 8.84
CX KCX A 51 -10.03 -20.74 4.22
OQ1 KCX A 51 -9.57 -21.11 3.12
OQ2 KCX A 51 -9.52 -21.16 5.28
H KCX A 51 -13.71 -24.10 4.94
HA KCX A 51 -13.11 -23.71 7.46
HB2 KCX A 51 -14.52 -21.76 7.23
HG2 KCX A 51 -12.51 -21.93 5.25
HD2 KCX A 51 -13.59 -19.91 5.02
HE2 KCX A 51 -11.06 -19.56 6.24
N ILE A 52 -15.88 -25.13 7.00
CA ILE A 52 -16.98 -25.78 7.71
C ILE A 52 -16.42 -26.79 8.74
N PRO A 53 -15.68 -27.82 8.33
CA PRO A 53 -15.13 -28.74 9.33
C PRO A 53 -14.14 -28.06 10.28
N ASN A 54 -13.34 -27.12 9.79
CA ASN A 54 -12.39 -26.42 10.63
C ASN A 54 -13.11 -25.67 11.75
N SER A 55 -14.22 -24.99 11.43
CA SER A 55 -15.00 -24.30 12.45
C SER A 55 -15.55 -25.28 13.47
N LEU A 56 -16.10 -26.41 13.01
CA LEU A 56 -16.67 -27.40 13.92
C LEU A 56 -15.63 -27.91 14.90
N ILE A 57 -14.42 -28.19 14.40
CA ILE A 57 -13.37 -28.73 15.25
C ILE A 57 -12.90 -27.69 16.25
N ALA A 58 -12.71 -26.45 15.79
CA ALA A 58 -12.25 -25.40 16.69
C ALA A 58 -13.24 -25.16 17.83
N LEU A 59 -14.54 -25.14 17.51
CA LEU A 59 -15.55 -24.95 18.55
C LEU A 59 -15.57 -26.12 19.54
N ASP A 60 -15.53 -27.35 19.03
CA ASP A 60 -15.70 -28.49 19.92
C ASP A 60 -14.50 -28.68 20.84
N LEU A 61 -13.32 -28.24 20.41
CA LEU A 61 -12.12 -28.33 21.25
C LEU A 61 -11.93 -27.11 22.14
N GLY A 62 -12.75 -26.08 22.00
CA GLY A 62 -12.59 -24.88 22.80
C GLY A 62 -11.58 -23.90 22.24
N VAL A 63 -11.02 -24.15 21.06
CA VAL A 63 -10.15 -23.16 20.42
C VAL A 63 -10.94 -21.88 20.16
N VAL A 64 -12.21 -22.01 19.78
CA VAL A 64 -13.14 -20.89 19.65
C VAL A 64 -14.22 -21.08 20.70
N LYS A 65 -14.43 -20.05 21.53
CA LYS A 65 -15.38 -20.14 22.62
C LYS A 65 -16.82 -20.05 22.12
N ASP A 66 -17.10 -19.09 21.24
CA ASP A 66 -18.43 -18.93 20.68
C ASP A 66 -18.33 -18.02 19.46
N GLU A 67 -19.48 -17.74 18.83
CA GLU A 67 -19.51 -16.99 17.59
C GLU A 67 -19.29 -15.49 17.79
N HIS A 68 -19.14 -15.03 19.03
CA HIS A 68 -18.87 -13.63 19.33
C HIS A 68 -17.40 -13.34 19.63
N GLN A 69 -16.60 -14.37 19.94
CA GLN A 69 -15.20 -14.14 20.26
C GLN A 69 -14.52 -13.39 19.12
N VAL A 70 -13.77 -12.35 19.45
N VAL A 70 -13.76 -12.36 19.47
CA VAL A 70 -13.11 -11.53 18.44
CA VAL A 70 -13.09 -11.52 18.48
C VAL A 70 -11.70 -12.06 18.20
C VAL A 70 -11.70 -12.07 18.22
N PHE A 71 -11.38 -12.27 16.94
CA PHE A 71 -10.03 -12.66 16.51
C PHE A 71 -9.37 -11.41 15.96
N LYS A 72 -8.43 -10.86 16.71
CA LYS A 72 -7.84 -9.58 16.36
C LYS A 72 -6.97 -9.70 15.11
N TRP A 73 -7.09 -8.71 14.24
CA TRP A 73 -6.18 -8.62 13.09
C TRP A 73 -4.74 -8.58 13.57
N ASP A 74 -3.87 -9.36 12.90
CA ASP A 74 -2.47 -9.42 13.32
C ASP A 74 -1.65 -8.24 12.83
N GLY A 75 -2.26 -7.25 12.18
CA GLY A 75 -1.54 -6.06 11.77
C GLY A 75 -0.74 -6.20 10.50
N GLN A 76 -0.80 -7.36 9.84
CA GLN A 76 -0.12 -7.56 8.57
C GLN A 76 -1.08 -7.23 7.44
N THR A 77 -0.72 -6.24 6.63
CA THR A 77 -1.57 -5.83 5.51
C THR A 77 -1.57 -6.91 4.43
N ARG A 78 -2.76 -7.41 4.10
CA ARG A 78 -2.93 -8.38 3.03
C ARG A 78 -3.73 -7.76 1.89
N ASP A 79 -3.72 -8.42 0.73
CA ASP A 79 -4.31 -7.82 -0.46
C ASP A 79 -5.83 -7.93 -0.50
N ILE A 80 -6.44 -8.60 0.46
CA ILE A 80 -7.90 -8.65 0.57
C ILE A 80 -8.30 -7.68 1.68
N ALA A 81 -8.94 -6.58 1.29
CA ALA A 81 -9.19 -5.50 2.25
C ALA A 81 -9.98 -5.97 3.46
N THR A 82 -11.01 -6.80 3.24
N THR A 82 -11.01 -6.81 3.23
CA THR A 82 -11.85 -7.23 4.35
CA THR A 82 -11.85 -7.25 4.33
C THR A 82 -11.10 -8.12 5.34
C THR A 82 -11.11 -8.13 5.33
N TRP A 83 -9.91 -8.61 4.99
CA TRP A 83 -9.12 -9.39 5.93
C TRP A 83 -8.33 -8.51 6.90
N ASN A 84 -8.16 -7.23 6.59
CA ASN A 84 -7.36 -6.32 7.41
C ASN A 84 -8.22 -5.66 8.49
N ARG A 85 -8.88 -6.51 9.28
CA ARG A 85 -9.74 -6.04 10.35
C ARG A 85 -10.02 -7.18 11.31
N ASP A 86 -10.62 -6.84 12.45
CA ASP A 86 -11.02 -7.85 13.41
C ASP A 86 -12.20 -8.65 12.89
N HIS A 87 -12.30 -9.91 13.31
CA HIS A 87 -13.37 -10.79 12.89
C HIS A 87 -13.86 -11.64 14.06
N ASN A 88 -15.09 -12.12 13.93
CA ASN A 88 -15.61 -13.22 14.73
C ASN A 88 -15.91 -14.38 13.79
N LEU A 89 -16.48 -15.46 14.32
CA LEU A 89 -16.73 -16.64 13.49
C LEU A 89 -17.66 -16.32 12.33
N ILE A 90 -18.67 -15.48 12.57
CA ILE A 90 -19.64 -15.16 11.54
C ILE A 90 -18.98 -14.41 10.40
N THR A 91 -18.24 -13.33 10.71
CA THR A 91 -17.64 -12.53 9.65
C THR A 91 -16.45 -13.24 9.03
N ALA A 92 -15.73 -14.06 9.80
CA ALA A 92 -14.62 -14.81 9.22
C ALA A 92 -15.11 -15.79 8.16
N MET A 93 -16.26 -16.42 8.38
N MET A 93 -16.25 -16.44 8.41
CA MET A 93 -16.80 -17.30 7.36
CA MET A 93 -16.86 -17.30 7.41
C MET A 93 -17.38 -16.51 6.19
C MET A 93 -17.33 -16.49 6.21
N LYS A 94 -18.05 -15.39 6.47
CA LYS A 94 -18.62 -14.58 5.41
C LYS A 94 -17.56 -14.08 4.43
N TYR A 95 -16.41 -13.62 4.93
CA TYR A 95 -15.37 -13.07 4.09
C TYR A 95 -14.23 -14.06 3.82
N SER A 96 -14.43 -15.34 4.15
N SER A 96 -14.42 -15.33 4.17
CA SER A 96 -13.44 -16.40 3.88
CA SER A 96 -13.46 -16.39 3.90
C SER A 96 -12.04 -15.97 4.33
C SER A 96 -12.05 -15.97 4.33
N VAL A 97 -11.93 -15.59 5.60
CA VAL A 97 -10.71 -15.00 6.12
C VAL A 97 -9.69 -16.10 6.45
N VAL A 98 -8.88 -16.46 5.44
CA VAL A 98 -7.90 -17.52 5.58
C VAL A 98 -7.01 -17.36 6.82
N PRO A 99 -6.39 -16.21 7.07
CA PRO A 99 -5.42 -16.14 8.17
C PRO A 99 -6.03 -16.44 9.54
N VAL A 100 -7.31 -16.15 9.75
CA VAL A 100 -7.95 -16.53 11.00
C VAL A 100 -8.02 -18.05 11.13
N TYR A 101 -8.41 -18.73 10.05
CA TYR A 101 -8.53 -20.18 10.07
C TYR A 101 -7.18 -20.88 10.06
N GLN A 102 -6.13 -20.23 9.55
CA GLN A 102 -4.80 -20.81 9.68
C GLN A 102 -4.39 -20.88 11.15
N GLU A 103 -4.73 -19.85 11.93
CA GLU A 103 -4.42 -19.88 13.35
C GLU A 103 -5.26 -20.92 14.09
N PHE A 104 -6.54 -21.07 13.72
CA PHE A 104 -7.34 -22.17 14.25
C PHE A 104 -6.60 -23.49 14.09
N ALA A 105 -6.12 -23.77 12.86
CA ALA A 105 -5.52 -25.06 12.57
C ALA A 105 -4.25 -25.27 13.39
N ARG A 106 -3.46 -24.22 13.59
CA ARG A 106 -2.24 -24.34 14.40
C ARG A 106 -2.58 -24.73 15.83
N GLN A 107 -3.65 -24.15 16.38
CA GLN A 107 -4.06 -24.46 17.75
C GLN A 107 -4.71 -25.84 17.85
N ILE A 108 -5.45 -26.25 16.81
CA ILE A 108 -5.99 -27.61 16.78
C ILE A 108 -4.85 -28.62 16.79
N GLY A 109 -3.90 -28.45 15.89
CA GLY A 109 -2.76 -29.33 15.80
C GLY A 109 -3.01 -30.52 14.88
N GLU A 110 -1.91 -31.10 14.39
CA GLU A 110 -2.00 -32.17 13.40
C GLU A 110 -2.75 -33.38 13.93
N ALA A 111 -2.42 -33.81 15.15
CA ALA A 111 -3.00 -35.04 15.67
C ALA A 111 -4.52 -34.93 15.80
N ARG A 112 -5.01 -33.85 16.43
CA ARG A 112 -6.44 -33.72 16.63
C ARG A 112 -7.16 -33.45 15.33
N MET A 113 -6.55 -32.68 14.41
CA MET A 113 -7.18 -32.44 13.12
C MET A 113 -7.39 -33.74 12.35
N SER A 114 -6.34 -34.57 12.28
CA SER A 114 -6.45 -35.84 11.56
C SER A 114 -7.52 -36.73 12.19
N LYS A 115 -7.52 -36.82 13.52
CA LYS A 115 -8.48 -37.66 14.22
C LYS A 115 -9.91 -37.23 13.93
N MET A 116 -10.16 -35.92 13.90
CA MET A 116 -11.53 -35.43 13.73
C MET A 116 -12.01 -35.58 12.30
N LEU A 117 -11.13 -35.37 11.31
CA LEU A 117 -11.54 -35.55 9.92
C LEU A 117 -11.88 -37.01 9.65
N HIS A 118 -11.14 -37.95 10.26
CA HIS A 118 -11.53 -39.34 10.14
C HIS A 118 -12.89 -39.60 10.79
N ALA A 119 -13.12 -39.01 11.97
CA ALA A 119 -14.41 -39.17 12.62
C ALA A 119 -15.54 -38.62 11.77
N PHE A 120 -15.28 -37.54 11.02
CA PHE A 120 -16.25 -36.94 10.12
C PHE A 120 -16.40 -37.70 8.80
N ASP A 121 -15.54 -38.68 8.53
CA ASP A 121 -15.52 -39.34 7.23
C ASP A 121 -15.33 -38.33 6.10
N TYR A 122 -14.50 -37.31 6.34
CA TYR A 122 -14.42 -36.14 5.47
C TYR A 122 -13.42 -36.36 4.34
N GLY A 123 -13.93 -36.48 3.12
CA GLY A 123 -13.07 -36.60 1.95
C GLY A 123 -12.11 -37.76 2.09
N ASN A 124 -10.87 -37.55 1.64
CA ASN A 124 -9.85 -38.57 1.78
C ASN A 124 -9.16 -38.52 3.13
N GLU A 125 -9.59 -37.62 4.02
CA GLU A 125 -9.15 -37.59 5.42
C GLU A 125 -7.64 -37.42 5.57
N ASP A 126 -6.98 -36.84 4.57
CA ASP A 126 -5.52 -36.79 4.50
C ASP A 126 -5.08 -35.34 4.67
N ILE A 127 -4.38 -35.07 5.78
CA ILE A 127 -3.93 -33.71 6.09
C ILE A 127 -2.45 -33.53 5.74
N SER A 128 -1.90 -34.40 4.90
CA SER A 128 -0.50 -34.28 4.51
C SER A 128 -0.22 -32.88 3.99
N GLY A 129 0.93 -32.33 4.38
CA GLY A 129 1.26 -30.96 4.06
C GLY A 129 1.44 -30.15 5.32
N ASN A 130 1.43 -28.83 5.20
CA ASN A 130 1.55 -27.95 6.35
C ASN A 130 0.22 -27.84 7.09
N VAL A 131 0.29 -27.91 8.42
CA VAL A 131 -0.95 -27.90 9.20
C VAL A 131 -1.73 -26.61 8.98
N ASP A 132 -1.07 -25.51 8.60
CA ASP A 132 -1.76 -24.24 8.43
C ASP A 132 -2.10 -23.94 6.97
N SER A 133 -2.02 -24.93 6.08
CA SER A 133 -2.39 -24.67 4.69
C SER A 133 -2.79 -25.92 3.90
N PHE A 134 -2.95 -27.06 4.56
CA PHE A 134 -3.11 -28.31 3.80
C PHE A 134 -4.39 -28.31 2.96
N TRP A 135 -5.42 -27.56 3.36
CA TRP A 135 -6.64 -27.47 2.59
C TRP A 135 -6.52 -26.56 1.37
N LEU A 136 -5.40 -25.84 1.26
CA LEU A 136 -5.12 -25.00 0.10
C LEU A 136 -4.06 -25.58 -0.82
N ASP A 137 -3.06 -26.30 -0.30
CA ASP A 137 -2.02 -26.85 -1.16
C ASP A 137 -1.41 -28.15 -0.62
N GLY A 138 -2.12 -28.86 0.24
CA GLY A 138 -1.69 -30.14 0.76
C GLY A 138 -2.37 -31.29 0.05
N GLY A 139 -2.50 -32.41 0.76
CA GLY A 139 -2.99 -33.63 0.16
C GLY A 139 -4.47 -33.91 0.31
N ILE A 140 -5.21 -33.07 1.04
CA ILE A 140 -6.62 -33.37 1.28
C ILE A 140 -7.42 -33.11 0.02
N ARG A 141 -8.41 -33.97 -0.23
CA ARG A 141 -9.25 -33.90 -1.41
C ARG A 141 -10.66 -34.34 -1.05
N ILE A 142 -11.64 -33.76 -1.73
CA ILE A 142 -13.04 -34.13 -1.51
C ILE A 142 -13.81 -33.91 -2.79
N SER A 143 -14.77 -34.80 -3.05
CA SER A 143 -15.64 -34.72 -4.23
C SER A 143 -16.94 -34.02 -3.89
N ALA A 144 -17.68 -33.64 -4.93
CA ALA A 144 -18.99 -33.02 -4.73
C ALA A 144 -19.95 -33.96 -4.01
N THR A 145 -19.95 -35.24 -4.36
N THR A 145 -19.95 -35.24 -4.36
CA THR A 145 -20.82 -36.19 -3.68
CA THR A 145 -20.84 -36.17 -3.67
C THR A 145 -20.41 -36.35 -2.23
C THR A 145 -20.41 -36.35 -2.21
N GLU A 146 -19.10 -36.34 -1.95
CA GLU A 146 -18.63 -36.43 -0.57
C GLU A 146 -18.99 -35.18 0.24
N GLN A 147 -19.00 -34.00 -0.38
CA GLN A 147 -19.49 -32.81 0.30
C GLN A 147 -20.94 -32.98 0.73
N ILE A 148 -21.78 -33.55 -0.16
CA ILE A 148 -23.18 -33.76 0.17
C ILE A 148 -23.29 -34.67 1.39
N SER A 149 -22.56 -35.78 1.39
N SER A 149 -22.56 -35.78 1.38
CA SER A 149 -22.65 -36.73 2.49
CA SER A 149 -22.63 -36.73 2.49
C SER A 149 -22.27 -36.07 3.81
C SER A 149 -22.27 -36.07 3.81
N PHE A 150 -21.21 -35.25 3.80
CA PHE A 150 -20.79 -34.56 5.02
C PHE A 150 -21.84 -33.55 5.47
N LEU A 151 -22.38 -32.77 4.53
CA LEU A 151 -23.37 -31.74 4.87
C LEU A 151 -24.65 -32.35 5.42
N ARG A 152 -25.06 -33.51 4.91
CA ARG A 152 -26.26 -34.16 5.42
C ARG A 152 -26.09 -34.52 6.89
N LYS A 153 -24.91 -35.02 7.26
CA LYS A 153 -24.63 -35.31 8.66
C LYS A 153 -24.73 -34.06 9.50
N LEU A 154 -24.16 -32.95 9.02
CA LEU A 154 -24.22 -31.69 9.76
C LEU A 154 -25.66 -31.23 9.94
N TYR A 155 -26.45 -31.27 8.87
CA TYR A 155 -27.85 -30.85 8.96
C TYR A 155 -28.58 -31.60 10.06
N HIS A 156 -28.35 -32.91 10.17
CA HIS A 156 -29.05 -33.77 11.12
C HIS A 156 -28.35 -33.85 12.48
N ASN A 157 -27.32 -33.04 12.71
CA ASN A 157 -26.57 -33.04 13.98
C ASN A 157 -25.98 -34.41 14.27
N LYS A 158 -25.56 -35.13 13.23
CA LYS A 158 -25.05 -36.48 13.38
C LYS A 158 -23.53 -36.57 13.35
N LEU A 159 -22.83 -35.45 13.19
CA LEU A 159 -21.38 -35.47 13.26
C LEU A 159 -20.92 -35.70 14.69
N HIS A 160 -19.71 -36.22 14.83
CA HIS A 160 -19.19 -36.60 16.14
C HIS A 160 -18.58 -35.38 16.84
N VAL A 161 -19.38 -34.32 16.95
CA VAL A 161 -19.11 -33.18 17.83
C VAL A 161 -20.43 -32.83 18.50
N SER A 162 -20.38 -31.88 19.43
CA SER A 162 -21.57 -31.55 20.19
C SER A 162 -22.64 -30.93 19.29
N GLU A 163 -23.89 -31.06 19.73
CA GLU A 163 -24.98 -30.39 19.02
C GLU A 163 -24.76 -28.89 18.96
N ARG A 164 -24.26 -28.31 20.06
CA ARG A 164 -23.98 -26.87 20.09
C ARG A 164 -23.02 -26.46 18.99
N SER A 165 -21.90 -27.20 18.86
CA SER A 165 -20.92 -26.87 17.83
C SER A 165 -21.56 -26.89 16.44
N GLN A 166 -22.43 -27.87 16.18
CA GLN A 166 -23.06 -27.96 14.86
C GLN A 166 -24.07 -26.84 14.65
N ARG A 167 -24.83 -26.48 15.68
CA ARG A 167 -25.78 -25.37 15.54
C ARG A 167 -25.05 -24.06 15.26
N ILE A 168 -23.92 -23.82 15.92
CA ILE A 168 -23.18 -22.57 15.71
C ILE A 168 -22.65 -22.49 14.29
N VAL A 169 -22.10 -23.59 13.77
CA VAL A 169 -21.56 -23.55 12.41
C VAL A 169 -22.68 -23.36 11.38
N LYS A 170 -23.83 -24.02 11.59
CA LYS A 170 -24.93 -23.81 10.64
C LYS A 170 -25.43 -22.37 10.68
N GLN A 171 -25.39 -21.72 11.84
CA GLN A 171 -25.67 -20.29 11.90
C GLN A 171 -24.66 -19.51 11.07
N ALA A 172 -23.37 -19.83 11.22
CA ALA A 172 -22.33 -19.11 10.50
C ALA A 172 -22.41 -19.34 8.99
N MET A 173 -23.02 -20.44 8.55
CA MET A 173 -23.20 -20.72 7.13
C MET A 173 -24.35 -19.95 6.50
N LEU A 174 -25.16 -19.26 7.29
CA LEU A 174 -26.31 -18.56 6.76
C LEU A 174 -25.88 -17.60 5.66
N THR A 175 -26.44 -17.77 4.47
CA THR A 175 -26.08 -16.98 3.29
C THR A 175 -27.24 -16.15 2.75
N GLU A 176 -28.44 -16.71 2.70
CA GLU A 176 -29.60 -16.00 2.16
C GLU A 176 -30.87 -16.52 2.80
N ALA A 177 -31.82 -15.61 3.04
CA ALA A 177 -33.10 -16.01 3.61
C ALA A 177 -34.16 -15.02 3.17
N ASN A 178 -35.33 -15.55 2.80
CA ASN A 178 -36.49 -14.75 2.46
C ASN A 178 -37.73 -15.58 2.76
N GLY A 179 -38.89 -15.08 2.34
CA GLY A 179 -40.14 -15.76 2.60
C GLY A 179 -40.28 -17.09 1.87
N ASP A 180 -39.39 -17.38 0.93
CA ASP A 180 -39.49 -18.60 0.12
C ASP A 180 -38.49 -19.68 0.48
N TYR A 181 -37.29 -19.32 0.93
CA TYR A 181 -36.28 -20.32 1.21
C TYR A 181 -35.18 -19.73 2.08
N ILE A 182 -34.36 -20.62 2.64
CA ILE A 182 -33.14 -20.29 3.36
C ILE A 182 -32.00 -21.07 2.72
N ILE A 183 -30.88 -20.40 2.46
CA ILE A 183 -29.67 -21.07 1.97
C ILE A 183 -28.59 -20.95 3.03
N ARG A 184 -28.03 -22.10 3.43
CA ARG A 184 -26.83 -22.17 4.26
C ARG A 184 -25.75 -22.84 3.42
N ALA A 185 -24.60 -22.18 3.27
CA ALA A 185 -23.63 -22.63 2.29
C ALA A 185 -22.28 -21.99 2.57
N LYS A 186 -21.27 -22.46 1.82
CA LYS A 186 -19.92 -21.92 1.90
C LYS A 186 -19.27 -21.98 0.52
N THR A 187 -18.63 -20.88 0.12
CA THR A 187 -17.89 -20.83 -1.13
C THR A 187 -16.47 -21.35 -0.95
N GLY A 188 -15.87 -21.74 -2.07
CA GLY A 188 -14.46 -22.10 -2.10
C GLY A 188 -13.82 -21.65 -3.39
N TYR A 189 -12.52 -21.39 -3.32
CA TYR A 189 -11.74 -20.91 -4.47
C TYR A 189 -10.35 -21.52 -4.35
N SER A 190 -10.02 -22.48 -5.22
CA SER A 190 -8.77 -23.22 -5.18
C SER A 190 -7.88 -22.82 -6.35
N THR A 191 -6.70 -22.23 -6.05
CA THR A 191 -5.79 -21.77 -7.10
C THR A 191 -4.38 -22.36 -7.03
N ARG A 192 -3.99 -22.94 -5.90
CA ARG A 192 -2.60 -23.35 -5.72
C ARG A 192 -2.25 -24.66 -6.39
N ILE A 193 -3.23 -25.50 -6.68
CA ILE A 193 -3.00 -26.76 -7.38
C ILE A 193 -3.98 -26.85 -8.54
N GLU A 194 -3.47 -27.29 -9.69
CA GLU A 194 -4.29 -27.42 -10.88
C GLU A 194 -5.24 -28.61 -10.74
N PRO A 195 -6.46 -28.52 -11.31
CA PRO A 195 -7.02 -27.38 -12.02
C PRO A 195 -7.63 -26.35 -11.07
N LYS A 196 -7.51 -25.06 -11.38
CA LYS A 196 -8.13 -24.03 -10.56
C LYS A 196 -9.65 -24.13 -10.67
N ILE A 197 -10.34 -24.13 -9.53
CA ILE A 197 -11.78 -24.30 -9.50
C ILE A 197 -12.42 -23.39 -8.45
N GLY A 198 -13.72 -23.19 -8.60
CA GLY A 198 -14.54 -22.59 -7.56
C GLY A 198 -15.56 -23.61 -7.06
N TRP A 199 -15.92 -23.48 -5.79
CA TRP A 199 -16.88 -24.33 -5.10
C TRP A 199 -18.06 -23.50 -4.61
N TRP A 200 -19.23 -24.14 -4.51
CA TRP A 200 -20.30 -23.68 -3.62
C TRP A 200 -21.02 -24.91 -3.12
N VAL A 201 -21.07 -25.09 -1.80
CA VAL A 201 -21.70 -26.26 -1.20
C VAL A 201 -22.61 -25.82 -0.06
N GLY A 202 -23.72 -26.52 0.10
CA GLY A 202 -24.66 -26.17 1.17
C GLY A 202 -26.01 -26.84 0.94
N TRP A 203 -27.06 -26.16 1.39
CA TRP A 203 -28.40 -26.66 1.18
C TRP A 203 -29.41 -25.52 1.18
N VAL A 204 -30.59 -25.81 0.64
N VAL A 204 -30.59 -25.85 0.65
CA VAL A 204 -31.70 -24.86 0.62
CA VAL A 204 -31.74 -24.94 0.57
C VAL A 204 -32.84 -25.47 1.43
C VAL A 204 -32.84 -25.52 1.45
N GLU A 205 -33.28 -24.74 2.45
CA GLU A 205 -34.37 -25.15 3.31
C GLU A 205 -35.70 -24.62 2.77
N LEU A 206 -36.66 -25.51 2.59
CA LEU A 206 -38.03 -25.17 2.24
C LEU A 206 -38.94 -25.50 3.41
N ASP A 207 -40.22 -25.13 3.27
CA ASP A 207 -41.19 -25.43 4.32
C ASP A 207 -41.22 -26.93 4.63
N ASP A 208 -41.17 -27.78 3.60
CA ASP A 208 -41.45 -29.19 3.76
C ASP A 208 -40.38 -30.11 3.18
N ASN A 209 -39.19 -29.60 2.87
CA ASN A 209 -38.12 -30.41 2.31
C ASN A 209 -36.83 -29.63 2.43
N VAL A 210 -35.71 -30.31 2.21
N VAL A 210 -35.72 -30.33 2.23
CA VAL A 210 -34.40 -29.69 2.12
CA VAL A 210 -34.39 -29.72 2.13
C VAL A 210 -33.66 -30.29 0.94
C VAL A 210 -33.72 -30.30 0.89
N TRP A 211 -33.08 -29.43 0.10
CA TRP A 211 -32.29 -29.83 -1.05
C TRP A 211 -30.83 -29.49 -0.78
N PHE A 212 -29.98 -30.52 -0.72
CA PHE A 212 -28.55 -30.32 -0.60
C PHE A 212 -27.94 -30.10 -1.98
N PHE A 213 -26.86 -29.32 -2.03
CA PHE A 213 -26.18 -29.07 -3.30
C PHE A 213 -24.69 -28.96 -3.08
N ALA A 214 -23.95 -29.33 -4.11
CA ALA A 214 -22.51 -29.16 -4.15
C ALA A 214 -22.11 -28.98 -5.61
N MET A 215 -21.39 -27.89 -5.90
CA MET A 215 -20.96 -27.60 -7.25
C MET A 215 -19.49 -27.17 -7.24
N ASN A 216 -18.79 -27.52 -8.30
CA ASN A 216 -17.51 -26.90 -8.59
C ASN A 216 -17.43 -26.65 -10.08
N MET A 217 -16.58 -25.71 -10.47
CA MET A 217 -16.47 -25.29 -11.85
C MET A 217 -15.06 -24.77 -12.10
N ASP A 218 -14.63 -24.87 -13.35
CA ASP A 218 -13.34 -24.34 -13.75
C ASP A 218 -13.32 -22.83 -13.49
N MET A 219 -12.18 -22.34 -12.98
CA MET A 219 -12.04 -20.95 -12.56
C MET A 219 -10.65 -20.46 -12.95
N PRO A 220 -10.42 -20.24 -14.25
CA PRO A 220 -9.07 -19.81 -14.68
C PRO A 220 -8.65 -18.45 -14.14
N THR A 221 -9.60 -17.53 -13.93
CA THR A 221 -9.31 -16.26 -13.28
C THR A 221 -10.41 -15.98 -12.26
N SER A 222 -10.14 -15.00 -11.39
CA SER A 222 -11.10 -14.61 -10.38
C SER A 222 -12.29 -13.85 -10.96
N ASP A 223 -12.23 -13.46 -12.23
CA ASP A 223 -13.35 -12.72 -12.83
C ASP A 223 -14.64 -13.52 -12.82
N GLY A 224 -14.57 -14.85 -12.78
CA GLY A 224 -15.74 -15.69 -12.85
C GLY A 224 -16.29 -16.17 -11.53
N LEU A 225 -15.82 -15.63 -10.39
CA LEU A 225 -16.21 -16.18 -9.10
C LEU A 225 -17.71 -16.04 -8.86
N GLY A 226 -18.32 -14.96 -9.36
CA GLY A 226 -19.76 -14.77 -9.18
C GLY A 226 -20.60 -15.83 -9.85
N LEU A 227 -20.03 -16.56 -10.81
CA LEU A 227 -20.77 -17.62 -11.50
C LEU A 227 -21.06 -18.80 -10.58
N ARG A 228 -20.29 -18.98 -9.51
CA ARG A 228 -20.52 -20.10 -8.59
C ARG A 228 -21.95 -20.08 -8.06
N GLN A 229 -22.36 -18.95 -7.47
CA GLN A 229 -23.71 -18.87 -6.93
C GLN A 229 -24.75 -18.69 -8.02
N ALA A 230 -24.42 -17.91 -9.06
CA ALA A 230 -25.41 -17.59 -10.07
C ALA A 230 -25.86 -18.83 -10.83
N ILE A 231 -24.90 -19.67 -11.24
CA ILE A 231 -25.24 -20.89 -11.97
C ILE A 231 -26.04 -21.84 -11.09
N THR A 232 -25.59 -22.03 -9.85
CA THR A 232 -26.32 -22.92 -8.94
C THR A 232 -27.77 -22.49 -8.78
N LYS A 233 -28.00 -21.20 -8.54
CA LYS A 233 -29.36 -20.72 -8.31
C LYS A 233 -30.20 -20.84 -9.57
N GLU A 234 -29.57 -20.71 -10.75
CA GLU A 234 -30.27 -20.90 -12.00
C GLU A 234 -30.68 -22.35 -12.20
N VAL A 235 -29.84 -23.29 -11.76
CA VAL A 235 -30.22 -24.71 -11.78
C VAL A 235 -31.40 -24.94 -10.82
N LEU A 236 -31.30 -24.39 -9.62
CA LEU A 236 -32.37 -24.56 -8.65
C LEU A 236 -33.69 -24.02 -9.19
N LYS A 237 -33.64 -22.87 -9.86
CA LYS A 237 -34.86 -22.29 -10.44
C LYS A 237 -35.38 -23.17 -11.57
N GLN A 238 -34.49 -23.66 -12.43
CA GLN A 238 -34.91 -24.55 -13.51
C GLN A 238 -35.65 -25.76 -12.98
N GLU A 239 -35.17 -26.32 -11.87
CA GLU A 239 -35.77 -27.51 -11.27
C GLU A 239 -36.91 -27.18 -10.32
N LYS A 240 -37.37 -25.93 -10.30
CA LYS A 240 -38.52 -25.52 -9.50
C LYS A 240 -38.30 -25.79 -8.01
N ILE A 241 -37.04 -25.72 -7.58
CA ILE A 241 -36.73 -25.80 -6.16
C ILE A 241 -36.90 -24.44 -5.50
N ILE A 242 -36.52 -23.37 -6.19
CA ILE A 242 -36.77 -22.00 -5.74
C ILE A 242 -37.49 -21.26 -6.85
N PRO A 243 -38.25 -20.21 -6.52
CA PRO A 243 -38.92 -19.43 -7.56
C PRO A 243 -37.93 -18.75 -8.51
N GLU B 2 31.16 6.56 1.31
CA GLU B 2 31.01 5.13 1.04
C GLU B 2 29.73 4.87 0.26
N TRP B 3 28.69 5.63 0.57
CA TRP B 3 27.39 5.46 -0.06
C TRP B 3 26.92 6.80 -0.60
N GLN B 4 26.46 6.80 -1.84
CA GLN B 4 25.95 8.00 -2.49
C GLN B 4 24.55 7.74 -3.00
N GLU B 5 23.67 8.71 -2.80
CA GLU B 5 22.29 8.63 -3.26
C GLU B 5 22.16 9.48 -4.51
N ASN B 6 21.62 8.87 -5.57
CA ASN B 6 21.42 9.53 -6.87
C ASN B 6 19.94 9.42 -7.22
N LYS B 7 19.15 10.40 -6.80
CA LYS B 7 17.71 10.36 -7.03
C LYS B 7 17.36 10.50 -8.51
N SER B 8 18.31 10.92 -9.36
CA SER B 8 18.02 11.02 -10.78
C SER B 8 17.67 9.66 -11.36
N TRP B 9 18.16 8.58 -10.74
CA TRP B 9 17.80 7.24 -11.16
C TRP B 9 16.33 6.93 -10.90
N ASN B 10 15.64 7.70 -10.05
CA ASN B 10 14.23 7.46 -9.83
C ASN B 10 13.46 7.52 -11.14
N ALA B 11 13.95 8.30 -12.10
CA ALA B 11 13.31 8.39 -13.40
C ALA B 11 13.19 7.03 -14.08
N HIS B 12 14.17 6.16 -13.85
CA HIS B 12 14.11 4.83 -14.45
C HIS B 12 12.90 4.05 -13.97
N PHE B 13 12.42 4.33 -12.76
CA PHE B 13 11.22 3.68 -12.26
C PHE B 13 9.96 4.45 -12.66
N THR B 14 9.97 5.78 -12.53
CA THR B 14 8.78 6.55 -12.83
C THR B 14 8.41 6.50 -14.31
N GLU B 15 9.40 6.42 -15.20
CA GLU B 15 9.10 6.32 -16.63
C GLU B 15 8.31 5.05 -16.95
N HIS B 16 8.46 4.01 -16.12
CA HIS B 16 7.70 2.79 -16.28
C HIS B 16 6.52 2.73 -15.32
N LYS B 17 6.15 3.87 -14.75
CA LYS B 17 5.02 3.98 -13.84
C LYS B 17 5.15 3.00 -12.69
N SER B 18 6.38 2.85 -12.19
CA SER B 18 6.67 1.93 -11.10
C SER B 18 7.43 2.65 -9.99
N GLN B 19 7.73 1.91 -8.94
CA GLN B 19 8.52 2.39 -7.81
C GLN B 19 9.46 1.27 -7.39
N GLY B 20 10.68 1.63 -7.02
CA GLY B 20 11.63 0.62 -6.62
C GLY B 20 12.96 1.22 -6.22
N VAL B 21 13.93 0.33 -6.05
CA VAL B 21 15.29 0.73 -5.69
C VAL B 21 16.29 -0.09 -6.49
N VAL B 22 17.36 0.56 -6.93
N VAL B 22 17.37 0.56 -6.90
CA VAL B 22 18.55 -0.12 -7.44
CA VAL B 22 18.54 -0.11 -7.45
C VAL B 22 19.71 0.24 -6.55
C VAL B 22 19.73 0.24 -6.58
N VAL B 23 20.53 -0.77 -6.22
CA VAL B 23 21.75 -0.58 -5.46
C VAL B 23 22.90 -1.15 -6.27
N LEU B 24 23.95 -0.36 -6.45
CA LEU B 24 25.16 -0.78 -7.16
C LEU B 24 26.35 -0.69 -6.23
N TRP B 25 27.31 -1.60 -6.40
CA TRP B 25 28.54 -1.59 -5.63
C TRP B 25 29.73 -1.77 -6.57
N ASN B 26 30.64 -0.80 -6.57
CA ASN B 26 31.87 -0.84 -7.36
C ASN B 26 32.94 -1.53 -6.52
N GLU B 27 33.30 -2.77 -6.90
CA GLU B 27 34.20 -3.55 -6.06
C GLU B 27 35.59 -2.91 -5.99
N ASN B 28 36.13 -2.45 -7.12
CA ASN B 28 37.46 -1.86 -7.12
C ASN B 28 37.53 -0.63 -6.21
N LYS B 29 36.52 0.24 -6.28
CA LYS B 29 36.51 1.49 -5.53
C LYS B 29 35.88 1.36 -4.15
N GLN B 30 35.23 0.23 -3.85
CA GLN B 30 34.56 0.04 -2.56
C GLN B 30 33.59 1.18 -2.28
N GLN B 31 32.74 1.47 -3.26
CA GLN B 31 31.77 2.55 -3.18
C GLN B 31 30.42 2.05 -3.67
N GLY B 32 29.36 2.48 -2.99
CA GLY B 32 28.01 2.10 -3.34
C GLY B 32 27.15 3.26 -3.82
N PHE B 33 26.11 2.95 -4.59
CA PHE B 33 25.24 3.95 -5.18
C PHE B 33 23.81 3.43 -5.20
N THR B 34 22.84 4.30 -4.91
CA THR B 34 21.44 3.91 -4.93
C THR B 34 20.58 5.15 -5.19
N ASN B 35 19.36 4.90 -5.66
CA ASN B 35 18.39 5.98 -5.85
C ASN B 35 17.60 6.30 -4.59
N ASN B 36 17.61 5.41 -3.60
CA ASN B 36 16.73 5.57 -2.44
C ASN B 36 17.37 4.83 -1.26
N LEU B 37 18.09 5.58 -0.42
CA LEU B 37 18.77 4.96 0.72
C LEU B 37 17.80 4.27 1.65
N LYS B 38 16.61 4.84 1.82
CA LYS B 38 15.63 4.23 2.71
C LYS B 38 15.18 2.88 2.18
N ARG B 39 14.72 2.82 0.93
CA ARG B 39 14.23 1.55 0.40
C ARG B 39 15.37 0.56 0.23
N ALA B 40 16.60 1.03 0.00
CA ALA B 40 17.74 0.13 -0.09
C ALA B 40 17.92 -0.69 1.18
N ASN B 41 17.46 -0.16 2.33
CA ASN B 41 17.61 -0.84 3.61
C ASN B 41 16.31 -1.40 4.16
N GLN B 42 15.24 -1.35 3.40
CA GLN B 42 13.98 -1.97 3.80
C GLN B 42 14.00 -3.45 3.43
N ALA B 43 13.46 -4.28 4.33
CA ALA B 43 13.56 -5.73 4.22
C ALA B 43 12.29 -6.33 3.60
N PHE B 44 12.47 -7.13 2.56
CA PHE B 44 11.38 -7.81 1.86
C PHE B 44 11.59 -9.32 1.90
N LEU B 45 10.53 -10.06 1.59
CA LEU B 45 10.69 -11.48 1.35
C LEU B 45 11.70 -11.70 0.22
N PRO B 46 12.62 -12.65 0.35
CA PRO B 46 13.56 -12.90 -0.75
C PRO B 46 12.92 -13.61 -1.93
N ALA B 47 11.85 -14.38 -1.70
CA ALA B 47 11.19 -15.20 -2.73
C ALA B 47 12.28 -16.00 -3.45
N SER B 48 12.27 -16.08 -4.78
CA SER B 48 13.19 -16.98 -5.47
C SER B 48 14.65 -16.55 -5.42
N THR B 49 14.98 -15.34 -4.94
CA THR B 49 16.40 -15.07 -4.72
C THR B 49 16.98 -15.96 -3.62
N PHE B 50 16.11 -16.57 -2.82
CA PHE B 50 16.57 -17.49 -1.78
C PHE B 50 17.14 -18.77 -2.38
N KCX B 51 16.91 -18.99 -3.67
CA KCX B 51 17.45 -20.19 -4.31
CB KCX B 51 16.91 -20.33 -5.73
CG KCX B 51 15.42 -20.73 -5.73
CD KCX B 51 14.88 -21.03 -7.12
CE KCX B 51 13.44 -21.55 -7.04
NZ KCX B 51 12.49 -20.54 -6.52
C KCX B 51 19.00 -20.16 -4.29
O KCX B 51 19.63 -21.21 -4.42
CX KCX B 51 12.00 -20.57 -5.28
OQ1 KCX B 51 12.32 -21.49 -4.50
OQ2 KCX B 51 11.23 -19.68 -4.91
H KCX B 51 16.47 -18.48 -4.19
HA KCX B 51 17.17 -20.97 -3.80
HB2 KCX B 51 17.40 -21.01 -6.20
HG2 KCX B 51 14.90 -20.01 -5.35
HD2 KCX B 51 14.87 -20.21 -7.64
HE2 KCX B 51 13.42 -22.32 -6.45
N ILE B 52 19.60 -18.99 -4.12
CA ILE B 52 21.06 -18.93 -4.02
C ILE B 52 21.53 -19.61 -2.71
N PRO B 53 21.13 -19.10 -1.54
CA PRO B 53 21.54 -19.80 -0.30
C PRO B 53 21.00 -21.22 -0.20
N ASN B 54 19.78 -21.46 -0.68
CA ASN B 54 19.22 -22.81 -0.62
C ASN B 54 20.11 -23.78 -1.41
N SER B 55 20.56 -23.38 -2.61
CA SER B 55 21.45 -24.23 -3.39
C SER B 55 22.76 -24.48 -2.66
N LEU B 56 23.35 -23.44 -2.06
CA LEU B 56 24.62 -23.59 -1.37
C LEU B 56 24.50 -24.60 -0.23
N ILE B 57 23.44 -24.51 0.55
CA ILE B 57 23.26 -25.39 1.70
C ILE B 57 23.02 -26.82 1.23
N ALA B 58 22.18 -27.00 0.22
CA ALA B 58 21.89 -28.33 -0.29
C ALA B 58 23.16 -29.00 -0.80
N LEU B 59 23.99 -28.27 -1.53
CA LEU B 59 25.25 -28.82 -2.02
C LEU B 59 26.18 -29.18 -0.87
N ASP B 60 26.34 -28.27 0.09
CA ASP B 60 27.36 -28.49 1.11
C ASP B 60 26.97 -29.63 2.05
N LEU B 61 25.68 -29.89 2.23
CA LEU B 61 25.23 -30.99 3.08
C LEU B 61 25.09 -32.31 2.33
N GLY B 62 25.27 -32.32 1.01
CA GLY B 62 25.13 -33.53 0.24
C GLY B 62 23.72 -33.87 -0.17
N VAL B 63 22.73 -32.99 0.12
CA VAL B 63 21.39 -33.17 -0.39
C VAL B 63 21.39 -33.19 -1.92
N VAL B 64 22.21 -32.33 -2.52
CA VAL B 64 22.44 -32.30 -3.95
C VAL B 64 23.91 -32.71 -4.18
N LYS B 65 24.12 -33.74 -4.99
CA LYS B 65 25.48 -34.24 -5.20
C LYS B 65 26.28 -33.33 -6.11
N ASP B 66 25.70 -32.90 -7.22
CA ASP B 66 26.37 -32.02 -8.17
C ASP B 66 25.32 -31.40 -9.08
N GLU B 67 25.78 -30.60 -10.04
CA GLU B 67 24.88 -29.87 -10.93
C GLU B 67 24.24 -30.74 -12.01
N HIS B 68 24.60 -32.03 -12.08
CA HIS B 68 24.03 -32.95 -13.05
C HIS B 68 22.94 -33.84 -12.47
N GLN B 69 22.85 -33.95 -11.15
CA GLN B 69 21.86 -34.82 -10.53
C GLN B 69 20.47 -34.41 -10.97
N VAL B 70 19.67 -35.39 -11.39
N VAL B 70 19.66 -35.39 -11.36
CA VAL B 70 18.34 -35.14 -11.93
CA VAL B 70 18.34 -35.15 -11.91
C VAL B 70 17.32 -35.23 -10.80
C VAL B 70 17.31 -35.24 -10.79
N PHE B 71 16.49 -34.21 -10.68
CA PHE B 71 15.38 -34.18 -9.74
C PHE B 71 14.11 -34.45 -10.56
N LYS B 72 13.56 -35.65 -10.41
CA LYS B 72 12.46 -36.09 -11.25
C LYS B 72 11.19 -35.32 -10.93
N TRP B 73 10.44 -34.95 -11.98
CA TRP B 73 9.13 -34.36 -11.79
C TRP B 73 8.25 -35.30 -10.98
N ASP B 74 7.52 -34.73 -10.01
CA ASP B 74 6.67 -35.56 -9.16
C ASP B 74 5.33 -35.90 -9.81
N GLY B 75 5.13 -35.55 -11.07
CA GLY B 75 3.93 -35.95 -11.77
C GLY B 75 2.71 -35.11 -11.48
N GLN B 76 2.83 -34.07 -10.67
CA GLN B 76 1.73 -33.17 -10.38
C GLN B 76 1.76 -32.00 -11.37
N THR B 77 0.72 -31.88 -12.18
CA THR B 77 0.66 -30.81 -13.16
C THR B 77 0.47 -29.47 -12.48
N ARG B 78 1.40 -28.55 -12.71
CA ARG B 78 1.35 -27.20 -12.19
C ARG B 78 1.16 -26.20 -13.34
N ASP B 79 0.80 -24.96 -12.97
CA ASP B 79 0.42 -23.98 -13.99
C ASP B 79 1.62 -23.35 -14.70
N ILE B 80 2.85 -23.67 -14.29
CA ILE B 80 4.06 -23.22 -14.97
C ILE B 80 4.58 -24.40 -15.76
N ALA B 81 4.48 -24.31 -17.10
CA ALA B 81 4.77 -25.45 -17.95
C ALA B 81 6.18 -25.99 -17.75
N THR B 82 7.17 -25.11 -17.62
N THR B 82 7.17 -25.10 -17.61
CA THR B 82 8.55 -25.56 -17.47
CA THR B 82 8.55 -25.56 -17.47
C THR B 82 8.80 -26.29 -16.16
C THR B 82 8.81 -26.28 -16.16
N TRP B 83 7.88 -26.21 -15.20
CA TRP B 83 8.03 -26.96 -13.96
C TRP B 83 7.60 -28.42 -14.10
N ASN B 84 6.85 -28.75 -15.14
CA ASN B 84 6.30 -30.10 -15.32
C ASN B 84 7.27 -30.98 -16.12
N ARG B 85 8.50 -31.06 -15.61
CA ARG B 85 9.53 -31.85 -16.27
C ARG B 85 10.66 -32.08 -15.28
N ASP B 86 11.59 -32.96 -15.66
CA ASP B 86 12.77 -33.21 -14.85
C ASP B 86 13.72 -32.01 -14.90
N HIS B 87 14.47 -31.81 -13.82
CA HIS B 87 15.40 -30.71 -13.73
C HIS B 87 16.70 -31.15 -13.06
N ASN B 88 17.76 -30.38 -13.31
CA ASN B 88 18.97 -30.41 -12.50
C ASN B 88 19.14 -29.04 -11.86
N LEU B 89 20.26 -28.83 -11.16
CA LEU B 89 20.44 -27.57 -10.45
C LEU B 89 20.46 -26.39 -11.41
N ILE B 90 21.06 -26.58 -12.60
CA ILE B 90 21.16 -25.50 -13.57
C ILE B 90 19.78 -25.09 -14.07
N THR B 91 18.98 -26.06 -14.51
CA THR B 91 17.68 -25.73 -15.06
C THR B 91 16.69 -25.34 -13.97
N ALA B 92 16.83 -25.91 -12.77
CA ALA B 92 15.97 -25.53 -11.66
C ALA B 92 16.15 -24.05 -11.30
N MET B 93 17.39 -23.56 -11.34
N MET B 93 17.40 -23.58 -11.30
CA MET B 93 17.59 -22.14 -11.09
CA MET B 93 17.66 -22.15 -11.11
C MET B 93 17.14 -21.30 -12.28
C MET B 93 17.12 -21.34 -12.28
N LYS B 94 17.41 -21.78 -13.51
CA LYS B 94 17.02 -21.01 -14.68
C LYS B 94 15.53 -20.76 -14.74
N TYR B 95 14.72 -21.78 -14.42
CA TYR B 95 13.26 -21.67 -14.50
C TYR B 95 12.61 -21.46 -13.13
N SER B 96 13.42 -21.16 -12.10
N SER B 96 13.41 -21.14 -12.10
CA SER B 96 12.93 -20.83 -10.77
CA SER B 96 12.89 -20.82 -10.77
C SER B 96 11.91 -21.86 -10.29
C SER B 96 11.89 -21.87 -10.30
N VAL B 97 12.32 -23.12 -10.30
CA VAL B 97 11.42 -24.24 -10.06
C VAL B 97 11.19 -24.45 -8.57
N VAL B 98 10.18 -23.75 -8.04
CA VAL B 98 9.87 -23.80 -6.61
C VAL B 98 9.78 -25.23 -6.08
N PRO B 99 9.00 -26.13 -6.68
CA PRO B 99 8.79 -27.43 -6.03
C PRO B 99 10.07 -28.23 -5.86
N VAL B 100 11.07 -28.06 -6.73
CA VAL B 100 12.35 -28.72 -6.52
C VAL B 100 13.02 -28.18 -5.27
N TYR B 101 13.01 -26.85 -5.08
CA TYR B 101 13.67 -26.25 -3.93
C TYR B 101 12.88 -26.48 -2.64
N GLN B 102 11.57 -26.67 -2.73
CA GLN B 102 10.82 -27.04 -1.54
C GLN B 102 11.28 -28.40 -1.02
N GLU B 103 11.55 -29.34 -1.92
CA GLU B 103 12.05 -30.64 -1.49
C GLU B 103 13.47 -30.52 -0.93
N PHE B 104 14.34 -29.69 -1.54
CA PHE B 104 15.63 -29.40 -0.93
C PHE B 104 15.46 -29.01 0.53
N ALA B 105 14.56 -28.06 0.79
CA ALA B 105 14.40 -27.52 2.13
C ALA B 105 13.93 -28.59 3.11
N ARG B 106 13.03 -29.47 2.67
CA ARG B 106 12.56 -30.55 3.53
C ARG B 106 13.71 -31.48 3.92
N GLN B 107 14.60 -31.77 2.98
CA GLN B 107 15.72 -32.66 3.29
C GLN B 107 16.78 -31.96 4.13
N ILE B 108 16.99 -30.66 3.92
CA ILE B 108 17.89 -29.91 4.79
C ILE B 108 17.37 -29.91 6.22
N GLY B 109 16.10 -29.56 6.40
CA GLY B 109 15.49 -29.54 7.70
C GLY B 109 15.64 -28.21 8.41
N GLU B 110 14.75 -27.97 9.37
CA GLU B 110 14.68 -26.68 10.05
C GLU B 110 15.98 -26.34 10.77
N ALA B 111 16.52 -27.29 11.54
CA ALA B 111 17.68 -27.00 12.37
C ALA B 111 18.88 -26.59 11.52
N ARG B 112 19.20 -27.38 10.49
CA ARG B 112 20.37 -27.07 9.67
C ARG B 112 20.15 -25.83 8.81
N MET B 113 18.93 -25.63 8.31
CA MET B 113 18.64 -24.43 7.54
C MET B 113 18.84 -23.19 8.39
N SER B 114 18.28 -23.18 9.60
CA SER B 114 18.41 -22.02 10.48
C SER B 114 19.87 -21.72 10.80
N LYS B 115 20.63 -22.77 11.15
CA LYS B 115 22.03 -22.57 11.48
C LYS B 115 22.80 -21.97 10.30
N MET B 116 22.54 -22.45 9.09
CA MET B 116 23.32 -21.98 7.95
C MET B 116 22.99 -20.53 7.59
N LEU B 117 21.74 -20.12 7.77
CA LEU B 117 21.42 -18.72 7.52
C LEU B 117 22.08 -17.81 8.54
N HIS B 118 22.16 -18.26 9.80
CA HIS B 118 22.96 -17.53 10.79
C HIS B 118 24.42 -17.47 10.37
N ALA B 119 24.97 -18.60 9.90
CA ALA B 119 26.37 -18.63 9.49
C ALA B 119 26.63 -17.73 8.29
N PHE B 120 25.65 -17.61 7.39
CA PHE B 120 25.74 -16.72 6.24
C PHE B 120 25.47 -15.26 6.57
N ASP B 121 24.99 -14.96 7.78
CA ASP B 121 24.55 -13.61 8.11
C ASP B 121 23.50 -13.11 7.12
N TYR B 122 22.60 -14.01 6.72
CA TYR B 122 21.68 -13.78 5.61
C TYR B 122 20.43 -13.06 6.09
N GLY B 123 20.26 -11.81 5.70
CA GLY B 123 19.04 -11.08 6.03
C GLY B 123 18.81 -11.05 7.53
N ASN B 124 17.55 -11.23 7.93
CA ASN B 124 17.21 -11.28 9.35
C ASN B 124 17.39 -12.67 9.95
N GLU B 125 17.87 -13.64 9.16
CA GLU B 125 18.28 -14.95 9.67
C GLU B 125 17.13 -15.70 10.34
N ASP B 126 15.89 -15.39 9.94
CA ASP B 126 14.69 -15.90 10.60
C ASP B 126 13.91 -16.81 9.65
N ILE B 127 13.84 -18.10 9.96
CA ILE B 127 13.14 -19.06 9.09
C ILE B 127 11.75 -19.38 9.62
N SER B 128 11.21 -18.56 10.50
CA SER B 128 9.89 -18.83 11.06
C SER B 128 8.88 -19.06 9.95
N GLY B 129 8.00 -20.03 10.16
CA GLY B 129 7.05 -20.45 9.14
C GLY B 129 7.24 -21.91 8.77
N ASN B 130 6.67 -22.32 7.63
CA ASN B 130 6.83 -23.69 7.17
C ASN B 130 8.19 -23.87 6.52
N VAL B 131 8.85 -24.99 6.85
CA VAL B 131 10.20 -25.20 6.34
C VAL B 131 10.22 -25.25 4.81
N ASP B 132 9.11 -25.63 4.17
CA ASP B 132 9.10 -25.75 2.72
C ASP B 132 8.50 -24.53 2.03
N SER B 133 8.34 -23.41 2.74
CA SER B 133 7.83 -22.21 2.08
C SER B 133 8.17 -20.90 2.77
N PHE B 134 9.06 -20.91 3.77
CA PHE B 134 9.24 -19.70 4.58
C PHE B 134 9.80 -18.53 3.77
N TRP B 135 10.53 -18.80 2.68
CA TRP B 135 11.05 -17.73 1.84
C TRP B 135 9.99 -17.14 0.92
N LEU B 136 8.81 -17.75 0.87
CA LEU B 136 7.68 -17.22 0.11
C LEU B 136 6.61 -16.59 0.99
N ASP B 137 6.39 -17.11 2.20
CA ASP B 137 5.35 -16.55 3.05
C ASP B 137 5.65 -16.69 4.55
N GLY B 138 6.91 -16.85 4.92
CA GLY B 138 7.32 -16.93 6.31
C GLY B 138 7.90 -15.62 6.81
N GLY B 139 8.77 -15.72 7.81
CA GLY B 139 9.29 -14.55 8.49
C GLY B 139 10.61 -14.02 7.99
N ILE B 140 11.25 -14.70 7.02
CA ILE B 140 12.56 -14.28 6.56
C ILE B 140 12.43 -13.02 5.73
N ARG B 141 13.38 -12.10 5.90
CA ARG B 141 13.39 -10.82 5.20
C ARG B 141 14.83 -10.45 4.90
N ILE B 142 15.04 -9.75 3.79
CA ILE B 142 16.37 -9.27 3.41
C ILE B 142 16.22 -7.98 2.62
N SER B 143 17.18 -7.07 2.81
CA SER B 143 17.21 -5.80 2.10
C SER B 143 18.12 -5.90 0.87
N ALA B 144 18.00 -4.91 -0.01
CA ALA B 144 18.87 -4.85 -1.18
C ALA B 144 20.34 -4.72 -0.78
N THR B 145 20.64 -3.89 0.23
N THR B 145 20.64 -3.89 0.22
CA THR B 145 22.02 -3.75 0.66
CA THR B 145 22.03 -3.77 0.64
C THR B 145 22.53 -5.06 1.26
C THR B 145 22.53 -5.06 1.26
N GLU B 146 21.68 -5.78 1.98
CA GLU B 146 22.05 -7.07 2.53
C GLU B 146 22.26 -8.12 1.44
N GLN B 147 21.51 -8.05 0.34
CA GLN B 147 21.79 -8.94 -0.78
C GLN B 147 23.20 -8.72 -1.32
N ILE B 148 23.60 -7.45 -1.47
CA ILE B 148 24.94 -7.16 -1.97
C ILE B 148 26.00 -7.70 -1.03
N SER B 149 25.82 -7.53 0.28
N SER B 149 25.82 -7.51 0.28
CA SER B 149 26.81 -8.03 1.24
CA SER B 149 26.78 -8.03 1.25
C SER B 149 26.95 -9.55 1.12
C SER B 149 26.94 -9.54 1.12
N PHE B 150 25.83 -10.25 0.96
CA PHE B 150 25.87 -11.70 0.81
C PHE B 150 26.52 -12.10 -0.50
N LEU B 151 26.16 -11.41 -1.59
CA LEU B 151 26.72 -11.75 -2.90
C LEU B 151 28.22 -11.51 -2.96
N ARG B 152 28.71 -10.47 -2.28
CA ARG B 152 30.14 -10.21 -2.28
C ARG B 152 30.90 -11.36 -1.62
N LYS B 153 30.35 -11.90 -0.54
CA LYS B 153 30.97 -13.05 0.12
C LYS B 153 31.02 -14.25 -0.82
N LEU B 154 29.92 -14.50 -1.53
CA LEU B 154 29.88 -15.61 -2.48
C LEU B 154 30.91 -15.42 -3.58
N TYR B 155 30.98 -14.22 -4.15
CA TYR B 155 31.95 -13.95 -5.21
C TYR B 155 33.36 -14.31 -4.75
N HIS B 156 33.72 -13.95 -3.52
CA HIS B 156 35.06 -14.14 -2.99
C HIS B 156 35.27 -15.49 -2.31
N ASN B 157 34.29 -16.40 -2.40
CA ASN B 157 34.36 -17.72 -1.77
C ASN B 157 34.54 -17.61 -0.25
N LYS B 158 33.93 -16.59 0.35
CA LYS B 158 34.10 -16.32 1.77
C LYS B 158 32.95 -16.82 2.63
N LEU B 159 31.91 -17.39 2.03
CA LEU B 159 30.84 -17.97 2.82
C LEU B 159 31.32 -19.26 3.50
N HIS B 160 30.64 -19.61 4.60
CA HIS B 160 31.04 -20.75 5.41
C HIS B 160 30.47 -22.05 4.85
N VAL B 161 30.77 -22.29 3.57
CA VAL B 161 30.61 -23.57 2.91
C VAL B 161 31.86 -23.79 2.06
N SER B 162 31.96 -24.97 1.45
CA SER B 162 33.17 -25.29 0.70
C SER B 162 33.31 -24.41 -0.53
N GLU B 163 34.55 -24.26 -1.00
CA GLU B 163 34.79 -23.54 -2.25
C GLU B 163 34.02 -24.21 -3.39
N ARG B 164 33.98 -25.54 -3.42
CA ARG B 164 33.27 -26.26 -4.47
C ARG B 164 31.80 -25.85 -4.52
N SER B 165 31.13 -25.84 -3.35
CA SER B 165 29.72 -25.46 -3.33
C SER B 165 29.52 -24.06 -3.89
N GLN B 166 30.40 -23.14 -3.54
CA GLN B 166 30.25 -21.76 -4.03
C GLN B 166 30.50 -21.66 -5.52
N ARG B 167 31.48 -22.41 -6.04
CA ARG B 167 31.74 -22.40 -7.48
C ARG B 167 30.55 -22.97 -8.26
N ILE B 168 29.93 -24.05 -7.77
CA ILE B 168 28.81 -24.65 -8.47
C ILE B 168 27.63 -23.69 -8.52
N VAL B 169 27.34 -23.01 -7.40
CA VAL B 169 26.21 -22.09 -7.39
C VAL B 169 26.46 -20.91 -8.31
N LYS B 170 27.69 -20.40 -8.34
CA LYS B 170 27.98 -19.30 -9.27
C LYS B 170 27.86 -19.73 -10.71
N GLN B 171 28.19 -20.99 -11.03
CA GLN B 171 27.91 -21.52 -12.36
C GLN B 171 26.41 -21.50 -12.65
N ALA B 172 25.59 -21.96 -11.69
CA ALA B 172 24.15 -22.02 -11.89
C ALA B 172 23.51 -20.63 -11.99
N MET B 173 24.17 -19.60 -11.45
CA MET B 173 23.67 -18.24 -11.55
C MET B 173 23.95 -17.61 -12.92
N LEU B 174 24.72 -18.27 -13.78
CA LEU B 174 25.07 -17.68 -15.06
C LEU B 174 23.81 -17.33 -15.85
N THR B 175 23.69 -16.05 -16.23
CA THR B 175 22.52 -15.52 -16.92
C THR B 175 22.82 -14.99 -18.30
N GLU B 176 23.94 -14.28 -18.48
CA GLU B 176 24.27 -13.70 -19.78
C GLU B 176 25.78 -13.58 -19.89
N ALA B 177 26.29 -13.82 -21.09
CA ALA B 177 27.72 -13.65 -21.34
C ALA B 177 27.92 -13.31 -22.80
N ASN B 178 28.81 -12.35 -23.05
CA ASN B 178 29.18 -11.95 -24.38
C ASN B 178 30.59 -11.38 -24.30
N GLY B 179 31.07 -10.81 -25.41
CA GLY B 179 32.41 -10.26 -25.44
C GLY B 179 32.62 -9.06 -24.55
N ASP B 180 31.55 -8.49 -24.00
CA ASP B 180 31.65 -7.27 -23.21
C ASP B 180 31.48 -7.50 -21.71
N TYR B 181 30.66 -8.45 -21.29
CA TYR B 181 30.42 -8.65 -19.86
C TYR B 181 29.81 -10.02 -19.62
N ILE B 182 29.84 -10.43 -18.36
CA ILE B 182 29.16 -11.62 -17.85
C ILE B 182 28.26 -11.18 -16.71
N ILE B 183 27.02 -11.66 -16.70
CA ILE B 183 26.10 -11.43 -15.59
C ILE B 183 25.79 -12.77 -14.93
N ARG B 184 26.01 -12.84 -13.62
CA ARG B 184 25.56 -13.93 -12.78
C ARG B 184 24.54 -13.35 -11.80
N ALA B 185 23.33 -13.92 -11.78
CA ALA B 185 22.23 -13.26 -11.07
C ALA B 185 21.09 -14.24 -10.85
N LYS B 186 20.11 -13.78 -10.07
CA LYS B 186 18.89 -14.55 -9.80
C LYS B 186 17.71 -13.59 -9.66
N THR B 187 16.61 -13.92 -10.33
CA THR B 187 15.37 -13.16 -10.21
C THR B 187 14.55 -13.63 -9.02
N GLY B 188 13.65 -12.76 -8.58
CA GLY B 188 12.69 -13.11 -7.55
C GLY B 188 11.35 -12.45 -7.83
N TYR B 189 10.29 -13.11 -7.36
CA TYR B 189 8.91 -12.63 -7.55
C TYR B 189 8.12 -13.01 -6.30
N SER B 190 7.77 -12.02 -5.49
CA SER B 190 7.10 -12.22 -4.21
C SER B 190 5.66 -11.73 -4.30
N THR B 191 4.69 -12.66 -4.12
CA THR B 191 3.28 -12.31 -4.22
C THR B 191 2.46 -12.66 -2.99
N ARG B 192 2.96 -13.48 -2.07
CA ARG B 192 2.13 -13.99 -0.98
C ARG B 192 1.97 -13.00 0.16
N ILE B 193 2.89 -12.04 0.29
CA ILE B 193 2.82 -11.04 1.35
C ILE B 193 2.99 -9.67 0.73
N GLU B 194 2.15 -8.72 1.14
CA GLU B 194 2.24 -7.38 0.61
C GLU B 194 3.47 -6.66 1.17
N PRO B 195 4.09 -5.77 0.38
CA PRO B 195 3.75 -5.44 -1.01
C PRO B 195 4.35 -6.45 -1.99
N LYS B 196 3.62 -6.76 -3.05
CA LYS B 196 4.14 -7.65 -4.08
C LYS B 196 5.30 -6.96 -4.78
N ILE B 197 6.43 -7.68 -4.93
CA ILE B 197 7.62 -7.10 -5.53
C ILE B 197 8.31 -8.11 -6.45
N GLY B 198 9.17 -7.57 -7.32
CA GLY B 198 10.12 -8.37 -8.06
C GLY B 198 11.54 -7.99 -7.65
N TRP B 199 12.44 -8.97 -7.73
CA TRP B 199 13.85 -8.82 -7.41
C TRP B 199 14.70 -9.13 -8.64
N TRP B 200 15.89 -8.52 -8.70
CA TRP B 200 16.99 -9.05 -9.50
C TRP B 200 18.28 -8.71 -8.75
N VAL B 201 19.06 -9.74 -8.41
CA VAL B 201 20.29 -9.56 -7.65
C VAL B 201 21.41 -10.35 -8.31
N GLY B 202 22.61 -9.81 -8.27
CA GLY B 202 23.75 -10.51 -8.88
C GLY B 202 24.92 -9.56 -9.07
N TRP B 203 25.70 -9.82 -10.12
CA TRP B 203 26.81 -8.94 -10.44
C TRP B 203 27.15 -9.03 -11.92
N VAL B 204 27.86 -8.01 -12.39
N VAL B 204 27.88 -8.01 -12.37
CA VAL B 204 28.35 -7.98 -13.77
CA VAL B 204 28.38 -7.89 -13.73
C VAL B 204 29.87 -7.99 -13.71
C VAL B 204 29.90 -8.00 -13.67
N GLU B 205 30.47 -8.98 -14.39
CA GLU B 205 31.91 -9.13 -14.47
C GLU B 205 32.42 -8.41 -15.70
N LEU B 206 33.41 -7.53 -15.50
CA LEU B 206 34.14 -6.88 -16.57
C LEU B 206 35.57 -7.39 -16.59
N ASP B 207 36.34 -6.97 -17.60
CA ASP B 207 37.73 -7.39 -17.67
C ASP B 207 38.49 -7.04 -16.40
N ASP B 208 38.26 -5.84 -15.85
CA ASP B 208 39.11 -5.33 -14.76
C ASP B 208 38.31 -4.83 -13.56
N ASN B 209 37.04 -5.20 -13.43
CA ASN B 209 36.24 -4.78 -12.28
C ASN B 209 35.00 -5.66 -12.23
N VAL B 210 34.31 -5.60 -11.09
N VAL B 210 34.32 -5.60 -11.09
CA VAL B 210 33.03 -6.26 -10.93
CA VAL B 210 33.03 -6.26 -10.89
C VAL B 210 32.08 -5.29 -10.24
C VAL B 210 32.09 -5.24 -10.26
N TRP B 211 30.86 -5.18 -10.76
CA TRP B 211 29.80 -4.35 -10.21
C TRP B 211 28.71 -5.25 -9.68
N PHE B 212 28.49 -5.23 -8.36
CA PHE B 212 27.37 -5.93 -7.77
C PHE B 212 26.10 -5.09 -7.86
N PHE B 213 24.95 -5.76 -7.98
CA PHE B 213 23.70 -5.04 -8.05
C PHE B 213 22.60 -5.81 -7.32
N ALA B 214 21.65 -5.05 -6.79
CA ALA B 214 20.45 -5.62 -6.18
C ALA B 214 19.34 -4.60 -6.36
N MET B 215 18.23 -5.05 -6.94
CA MET B 215 17.09 -4.19 -7.19
C MET B 215 15.82 -4.90 -6.76
N ASN B 216 14.85 -4.13 -6.28
CA ASN B 216 13.49 -4.62 -6.16
C ASN B 216 12.55 -3.50 -6.58
N MET B 217 11.33 -3.90 -6.96
CA MET B 217 10.35 -2.97 -7.48
C MET B 217 8.95 -3.50 -7.20
N ASP B 218 8.00 -2.58 -7.08
CA ASP B 218 6.61 -2.97 -6.93
C ASP B 218 6.17 -3.77 -8.15
N MET B 219 5.38 -4.83 -7.91
CA MET B 219 4.97 -5.77 -8.95
C MET B 219 3.51 -6.13 -8.72
N PRO B 220 2.60 -5.19 -8.99
CA PRO B 220 1.17 -5.49 -8.74
C PRO B 220 0.61 -6.61 -9.61
N THR B 221 1.12 -6.78 -10.82
CA THR B 221 0.75 -7.91 -11.66
C THR B 221 2.01 -8.50 -12.29
N SER B 222 1.87 -9.70 -12.85
CA SER B 222 2.99 -10.36 -13.49
C SER B 222 3.36 -9.73 -14.82
N ASP B 223 2.54 -8.82 -15.35
CA ASP B 223 2.82 -8.19 -16.63
C ASP B 223 4.12 -7.39 -16.61
N GLY B 224 4.58 -6.94 -15.45
CA GLY B 224 5.76 -6.11 -15.34
C GLY B 224 7.04 -6.83 -15.02
N LEU B 225 7.06 -8.16 -15.06
CA LEU B 225 8.24 -8.90 -14.60
C LEU B 225 9.47 -8.59 -15.44
N GLY B 226 9.30 -8.33 -16.74
CA GLY B 226 10.44 -8.01 -17.58
C GLY B 226 11.15 -6.73 -17.19
N LEU B 227 10.48 -5.85 -16.42
CA LEU B 227 11.11 -4.61 -15.99
C LEU B 227 12.22 -4.83 -14.98
N ARG B 228 12.24 -5.98 -14.30
CA ARG B 228 13.31 -6.24 -13.34
C ARG B 228 14.66 -6.13 -14.02
N GLN B 229 14.85 -6.84 -15.14
CA GLN B 229 16.11 -6.79 -15.87
C GLN B 229 16.22 -5.51 -16.70
N ALA B 230 15.11 -5.05 -17.28
CA ALA B 230 15.18 -3.91 -18.19
C ALA B 230 15.59 -2.63 -17.46
N ILE B 231 15.00 -2.38 -16.29
CA ILE B 231 15.36 -1.18 -15.54
C ILE B 231 16.81 -1.27 -15.07
N THR B 232 17.22 -2.43 -14.55
CA THR B 232 18.60 -2.59 -14.10
C THR B 232 19.58 -2.29 -15.23
N LYS B 233 19.32 -2.83 -16.42
CA LYS B 233 20.22 -2.60 -17.54
C LYS B 233 20.20 -1.16 -18.00
N GLU B 234 19.07 -0.46 -17.86
CA GLU B 234 19.05 0.95 -18.21
C GLU B 234 19.96 1.75 -17.26
N VAL B 235 19.97 1.38 -15.99
CA VAL B 235 20.88 2.03 -15.04
C VAL B 235 22.33 1.70 -15.40
N LEU B 236 22.63 0.42 -15.64
CA LEU B 236 23.99 0.04 -15.99
C LEU B 236 24.46 0.76 -17.24
N LYS B 237 23.59 0.90 -18.23
CA LYS B 237 23.96 1.62 -19.45
C LYS B 237 24.18 3.10 -19.18
N GLN B 238 23.30 3.72 -18.39
CA GLN B 238 23.46 5.14 -18.07
C GLN B 238 24.80 5.40 -17.41
N GLU B 239 25.23 4.52 -16.52
CA GLU B 239 26.48 4.66 -15.80
C GLU B 239 27.67 4.11 -16.58
N LYS B 240 27.47 3.74 -17.85
CA LYS B 240 28.53 3.27 -18.72
C LYS B 240 29.25 2.06 -18.15
N ILE B 241 28.51 1.23 -17.41
CA ILE B 241 29.05 -0.04 -16.93
C ILE B 241 28.96 -1.09 -18.03
N ILE B 242 27.89 -1.07 -18.81
CA ILE B 242 27.77 -1.92 -19.99
C ILE B 242 27.48 -1.00 -21.18
N PRO B 243 27.83 -1.40 -22.41
CA PRO B 243 27.54 -0.58 -23.60
C PRO B 243 26.04 -0.41 -23.84
N GLU C 2 29.97 4.68 6.63
CA GLU C 2 28.69 5.30 6.97
C GLU C 2 28.10 4.73 8.27
N TRP C 3 28.24 3.42 8.45
CA TRP C 3 27.71 2.75 9.63
C TRP C 3 28.77 1.83 10.22
N GLN C 4 28.94 1.91 11.54
CA GLN C 4 29.88 1.08 12.27
C GLN C 4 29.14 0.37 13.39
N GLU C 5 29.48 -0.90 13.60
CA GLU C 5 28.86 -1.72 14.62
C GLU C 5 29.79 -1.84 15.82
N ASN C 6 29.25 -1.57 17.01
CA ASN C 6 30.02 -1.62 18.26
C ASN C 6 29.32 -2.61 19.18
N LYS C 7 29.75 -3.87 19.12
CA LYS C 7 29.13 -4.93 19.92
C LYS C 7 29.39 -4.78 21.41
N SER C 8 30.32 -3.92 21.82
CA SER C 8 30.58 -3.74 23.25
C SER C 8 29.35 -3.18 23.97
N TRP C 9 28.49 -2.46 23.24
CA TRP C 9 27.26 -1.95 23.84
C TRP C 9 26.31 -3.07 24.23
N ASN C 10 26.47 -4.26 23.65
CA ASN C 10 25.60 -5.37 24.02
C ASN C 10 25.65 -5.67 25.50
N ALA C 11 26.79 -5.38 26.14
CA ALA C 11 26.91 -5.60 27.58
C ALA C 11 25.85 -4.81 28.36
N HIS C 12 25.53 -3.60 27.89
CA HIS C 12 24.54 -2.78 28.58
C HIS C 12 23.16 -3.43 28.56
N PHE C 13 22.86 -4.24 27.54
CA PHE C 13 21.60 -4.95 27.50
C PHE C 13 21.66 -6.23 28.33
N THR C 14 22.73 -7.01 28.16
CA THR C 14 22.81 -8.28 28.88
C THR C 14 22.94 -8.06 30.39
N GLU C 15 23.59 -6.98 30.81
CA GLU C 15 23.66 -6.68 32.23
C GLU C 15 22.27 -6.47 32.80
N HIS C 16 21.32 -6.02 31.98
CA HIS C 16 19.94 -5.88 32.40
C HIS C 16 19.06 -7.02 31.87
N LYS C 17 19.67 -8.11 31.41
CA LYS C 17 18.93 -9.28 30.93
C LYS C 17 17.87 -8.87 29.92
N SER C 18 18.27 -7.99 29.01
CA SER C 18 17.37 -7.48 27.99
C SER C 18 17.99 -7.71 26.62
N GLN C 19 17.20 -7.39 25.59
CA GLN C 19 17.64 -7.48 24.22
C GLN C 19 17.11 -6.25 23.49
N GLY C 20 17.95 -5.66 22.66
CA GLY C 20 17.52 -4.47 21.95
C GLY C 20 18.65 -3.92 21.09
N VAL C 21 18.42 -2.72 20.59
CA VAL C 21 19.37 -2.01 19.75
C VAL C 21 19.38 -0.54 20.17
N VAL C 22 20.56 0.05 20.19
CA VAL C 22 20.73 1.50 20.26
C VAL C 22 21.41 1.95 18.97
N VAL C 23 20.87 3.01 18.37
CA VAL C 23 21.42 3.58 17.14
C VAL C 23 21.73 5.05 17.40
N LEU C 24 22.96 5.46 17.08
CA LEU C 24 23.41 6.84 17.22
C LEU C 24 23.84 7.39 15.87
N TRP C 25 23.61 8.69 15.67
CA TRP C 25 24.04 9.39 14.47
C TRP C 25 24.73 10.68 14.85
N ASN C 26 26.00 10.80 14.44
CA ASN C 26 26.80 12.00 14.68
C ASN C 26 26.54 12.97 13.53
N GLU C 27 25.82 14.06 13.82
CA GLU C 27 25.41 14.95 12.74
C GLU C 27 26.60 15.64 12.08
N ASN C 28 27.57 16.11 12.87
CA ASN C 28 28.73 16.79 12.29
C ASN C 28 29.48 15.90 11.32
N LYS C 29 29.73 14.65 11.73
CA LYS C 29 30.55 13.74 10.93
C LYS C 29 29.76 12.91 9.94
N GLN C 30 28.43 12.95 10.01
CA GLN C 30 27.58 12.17 9.13
C GLN C 30 27.93 10.69 9.19
N GLN C 31 28.01 10.17 10.42
CA GLN C 31 28.37 8.78 10.67
C GLN C 31 27.44 8.19 11.72
N GLY C 32 27.08 6.93 11.53
CA GLY C 32 26.20 6.24 12.46
C GLY C 32 26.88 5.09 13.17
N PHE C 33 26.36 4.73 14.34
CA PHE C 33 26.93 3.69 15.18
C PHE C 33 25.80 2.91 15.84
N THR C 34 25.96 1.59 15.92
CA THR C 34 24.94 0.76 16.56
C THR C 34 25.56 -0.54 17.06
N ASN C 35 24.87 -1.18 18.00
CA ASN C 35 25.32 -2.48 18.48
C ASN C 35 24.85 -3.64 17.60
N ASN C 36 23.87 -3.40 16.73
CA ASN C 36 23.24 -4.48 15.95
C ASN C 36 22.71 -3.85 14.67
N LEU C 37 23.50 -3.95 13.60
CA LEU C 37 23.12 -3.33 12.33
C LEU C 37 21.81 -3.90 11.80
N LYS C 38 21.59 -5.21 11.99
CA LYS C 38 20.37 -5.83 11.49
C LYS C 38 19.14 -5.31 12.23
N ARG C 39 19.15 -5.35 13.56
CA ARG C 39 17.98 -4.88 14.29
C ARG C 39 17.80 -3.37 14.13
N ALA C 40 18.89 -2.64 13.90
CA ALA C 40 18.77 -1.20 13.64
C ALA C 40 17.87 -0.93 12.45
N ASN C 41 17.79 -1.88 11.52
CA ASN C 41 16.98 -1.72 10.31
C ASN C 41 15.72 -2.56 10.34
N GLN C 42 15.39 -3.17 11.49
CA GLN C 42 14.15 -3.92 11.59
C GLN C 42 13.01 -2.97 11.88
N ALA C 43 11.90 -3.12 11.15
CA ALA C 43 10.79 -2.18 11.24
C ALA C 43 9.73 -2.72 12.18
N PHE C 44 9.35 -1.90 13.16
CA PHE C 44 8.35 -2.23 14.17
C PHE C 44 7.21 -1.23 14.15
N LEU C 45 6.12 -1.57 14.83
CA LEU C 45 5.10 -0.57 15.13
C LEU C 45 5.74 0.59 15.90
N PRO C 46 5.43 1.84 15.55
CA PRO C 46 6.01 2.97 16.30
C PRO C 46 5.38 3.22 17.65
N ALA C 47 4.14 2.79 17.86
CA ALA C 47 3.42 3.07 19.09
C ALA C 47 3.49 4.57 19.40
N SER C 48 3.75 4.94 20.65
CA SER C 48 3.61 6.34 21.03
C SER C 48 4.71 7.23 20.46
N THR C 49 5.75 6.68 19.82
CA THR C 49 6.66 7.57 19.08
C THR C 49 5.95 8.22 17.91
N PHE C 50 4.81 7.68 17.49
CA PHE C 50 4.02 8.26 16.42
C PHE C 50 3.39 9.59 16.82
N KCX C 51 3.44 9.93 18.11
CA KCX C 51 2.88 11.21 18.54
CB KCX C 51 2.81 11.29 20.07
CG KCX C 51 1.69 10.39 20.64
CD KCX C 51 1.47 10.55 22.14
CE KCX C 51 0.27 9.71 22.61
NZ KCX C 51 0.53 8.24 22.46
C KCX C 51 3.67 12.39 17.96
O KCX C 51 3.17 13.50 17.89
CX KCX C 51 -0.03 7.54 21.47
OQ1 KCX C 51 0.21 6.33 21.37
OQ2 KCX C 51 -0.80 8.09 20.66
H KCX C 51 3.78 9.46 18.73
HA KCX C 51 1.96 11.27 18.20
HB2 KCX C 51 3.66 10.99 20.44
HG2 KCX C 51 1.93 9.46 20.47
HD2 KCX C 51 2.26 10.24 22.61
HE2 KCX C 51 0.11 9.89 23.55
N ILE C 52 4.90 12.14 17.51
CA ILE C 52 5.67 13.20 16.87
C ILE C 52 5.02 13.58 15.54
N PRO C 53 4.93 12.65 14.57
CA PRO C 53 4.26 13.01 13.31
C PRO C 53 2.79 13.37 13.49
N ASN C 54 2.09 12.70 14.40
CA ASN C 54 0.69 13.03 14.64
C ASN C 54 0.55 14.47 15.10
N SER C 55 1.42 14.91 16.01
CA SER C 55 1.39 16.30 16.47
C SER C 55 1.64 17.26 15.31
N LEU C 56 2.65 16.96 14.48
CA LEU C 56 2.98 17.83 13.36
C LEU C 56 1.79 18.00 12.42
N ILE C 57 1.12 16.89 12.10
CA ILE C 57 0.00 16.95 11.17
C ILE C 57 -1.16 17.71 11.79
N ALA C 58 -1.48 17.44 13.05
CA ALA C 58 -2.59 18.11 13.71
C ALA C 58 -2.37 19.61 13.76
N LEU C 59 -1.15 20.05 14.06
CA LEU C 59 -0.86 21.49 14.09
C LEU C 59 -0.98 22.11 12.71
N ASP C 60 -0.42 21.46 11.70
CA ASP C 60 -0.37 22.08 10.38
C ASP C 60 -1.75 22.17 9.75
N LEU C 61 -2.65 21.26 10.10
CA LEU C 61 -4.02 21.29 9.58
C LEU C 61 -4.96 22.13 10.43
N GLY C 62 -4.50 22.63 11.57
CA GLY C 62 -5.36 23.43 12.43
C GLY C 62 -6.22 22.63 13.38
N VAL C 63 -6.07 21.31 13.42
CA VAL C 63 -6.78 20.51 14.43
C VAL C 63 -6.37 20.95 15.83
N VAL C 64 -5.10 21.29 16.01
CA VAL C 64 -4.57 21.87 17.24
C VAL C 64 -4.15 23.30 16.93
N LYS C 65 -4.69 24.25 17.70
CA LYS C 65 -4.42 25.67 17.45
C LYS C 65 -3.02 26.07 17.88
N ASP C 66 -2.63 25.68 19.09
CA ASP C 66 -1.30 25.98 19.61
C ASP C 66 -1.07 25.06 20.80
N GLU C 67 0.07 25.23 21.46
CA GLU C 67 0.45 24.35 22.55
C GLU C 67 -0.29 24.63 23.85
N HIS C 68 -1.16 25.65 23.87
CA HIS C 68 -1.93 26.00 25.05
C HIS C 68 -3.37 25.49 24.99
N GLN C 69 -3.87 25.14 23.81
CA GLN C 69 -5.25 24.69 23.67
C GLN C 69 -5.50 23.49 24.58
N VAL C 70 -6.63 23.52 25.29
CA VAL C 70 -6.97 22.50 26.28
C VAL C 70 -7.89 21.47 25.64
N PHE C 71 -7.51 20.21 25.76
CA PHE C 71 -8.33 19.08 25.33
C PHE C 71 -8.91 18.43 26.59
N LYS C 72 -10.21 18.63 26.80
CA LYS C 72 -10.85 18.23 28.04
C LYS C 72 -10.97 16.71 28.14
N TRP C 73 -10.78 16.20 29.35
CA TRP C 73 -11.02 14.79 29.63
C TRP C 73 -12.46 14.44 29.26
N ASP C 74 -12.63 13.31 28.58
CA ASP C 74 -13.95 12.88 28.14
C ASP C 74 -14.75 12.19 29.25
N GLY C 75 -14.22 12.14 30.47
CA GLY C 75 -14.94 11.59 31.60
C GLY C 75 -14.90 10.08 31.73
N GLN C 76 -14.20 9.38 30.83
CA GLN C 76 -14.04 7.94 30.93
C GLN C 76 -12.80 7.64 31.76
N THR C 77 -12.99 6.97 32.90
CA THR C 77 -11.86 6.61 33.73
C THR C 77 -11.07 5.49 33.06
N ARG C 78 -9.80 5.75 32.79
CA ARG C 78 -8.90 4.79 32.18
C ARG C 78 -7.84 4.36 33.19
N ASP C 79 -7.09 3.32 32.84
CA ASP C 79 -6.19 2.69 33.79
C ASP C 79 -4.92 3.50 34.04
N ILE C 80 -4.68 4.55 33.27
CA ILE C 80 -3.54 5.43 33.48
C ILE C 80 -4.07 6.70 34.13
N ALA C 81 -3.74 6.91 35.40
CA ALA C 81 -4.34 7.99 36.17
C ALA C 81 -4.09 9.34 35.52
N THR C 82 -2.88 9.56 34.98
CA THR C 82 -2.58 10.86 34.40
C THR C 82 -3.37 11.14 33.13
N TRP C 83 -4.03 10.14 32.55
CA TRP C 83 -4.88 10.36 31.39
C TRP C 83 -6.26 10.90 31.76
N ASN C 84 -6.66 10.77 33.03
CA ASN C 84 -8.00 11.15 33.47
C ASN C 84 -8.05 12.61 33.92
N ARG C 85 -7.61 13.51 33.05
CA ARG C 85 -7.57 14.94 33.36
C ARG C 85 -7.44 15.70 32.05
N ASP C 86 -7.62 17.02 32.14
CA ASP C 86 -7.43 17.87 30.98
C ASP C 86 -5.95 17.95 30.62
N HIS C 87 -5.68 18.14 29.32
CA HIS C 87 -4.32 18.20 28.81
C HIS C 87 -4.22 19.27 27.72
N ASN C 88 -3.00 19.73 27.51
CA ASN C 88 -2.62 20.46 26.30
C ASN C 88 -1.58 19.64 25.55
N LEU C 89 -1.06 20.19 24.46
CA LEU C 89 -0.13 19.42 23.64
C LEU C 89 1.12 19.03 24.43
N ILE C 90 1.60 19.93 25.28
CA ILE C 90 2.81 19.66 26.05
C ILE C 90 2.57 18.50 27.00
N THR C 91 1.50 18.57 27.78
CA THR C 91 1.25 17.52 28.77
C THR C 91 0.78 16.24 28.12
N ALA C 92 0.06 16.33 26.99
CA ALA C 92 -0.36 15.12 26.28
C ALA C 92 0.85 14.32 25.80
N MET C 93 1.89 15.00 25.33
N MET C 93 1.87 15.01 25.29
CA MET C 93 3.09 14.29 24.92
CA MET C 93 3.12 14.36 24.92
C MET C 93 3.89 13.81 26.13
C MET C 93 3.82 13.80 26.15
N LYS C 94 3.92 14.61 27.21
CA LYS C 94 4.66 14.22 28.40
C LYS C 94 4.11 12.93 29.00
N TYR C 95 2.79 12.79 29.07
CA TYR C 95 2.16 11.63 29.68
C TYR C 95 1.66 10.61 28.65
N SER C 96 1.99 10.82 27.38
N SER C 96 1.98 10.79 27.38
CA SER C 96 1.67 9.89 26.30
CA SER C 96 1.65 9.78 26.37
C SER C 96 0.18 9.53 26.31
C SER C 96 0.15 9.50 26.32
N VAL C 97 -0.64 10.57 26.25
CA VAL C 97 -2.08 10.45 26.41
C VAL C 97 -2.73 9.97 25.11
N VAL C 98 -2.81 8.65 24.95
CA VAL C 98 -3.38 8.05 23.74
C VAL C 98 -4.74 8.63 23.37
N PRO C 99 -5.72 8.72 24.27
CA PRO C 99 -7.06 9.13 23.83
C PRO C 99 -7.11 10.54 23.25
N VAL C 100 -6.21 11.43 23.68
CA VAL C 100 -6.14 12.76 23.06
C VAL C 100 -5.69 12.64 21.61
N TYR C 101 -4.67 11.81 21.36
CA TYR C 101 -4.15 11.67 20.00
C TYR C 101 -5.09 10.84 19.12
N GLN C 102 -5.88 9.95 19.71
CA GLN C 102 -6.90 9.27 18.92
C GLN C 102 -7.94 10.26 18.39
N GLU C 103 -8.29 11.26 19.21
CA GLU C 103 -9.20 12.29 18.74
C GLU C 103 -8.56 13.14 17.65
N PHE C 104 -7.27 13.48 17.80
CA PHE C 104 -6.56 14.14 16.70
C PHE C 104 -6.71 13.36 15.40
N ALA C 105 -6.43 12.05 15.45
CA ALA C 105 -6.40 11.26 14.23
C ALA C 105 -7.75 11.21 13.55
N ARG C 106 -8.83 11.10 14.32
CA ARG C 106 -10.16 11.09 13.72
C ARG C 106 -10.45 12.39 12.99
N GLN C 107 -10.01 13.52 13.56
CA GLN C 107 -10.24 14.81 12.92
C GLN C 107 -9.35 14.99 11.69
N ILE C 108 -8.12 14.46 11.74
CA ILE C 108 -7.25 14.48 10.58
C ILE C 108 -7.87 13.69 9.43
N GLY C 109 -8.30 12.46 9.70
CA GLY C 109 -8.91 11.61 8.71
C GLY C 109 -7.91 10.78 7.93
N GLU C 110 -8.40 9.67 7.38
CA GLU C 110 -7.51 8.70 6.71
C GLU C 110 -6.78 9.33 5.54
N ALA C 111 -7.49 10.07 4.68
CA ALA C 111 -6.87 10.57 3.46
C ALA C 111 -5.71 11.51 3.77
N ARG C 112 -5.92 12.50 4.65
CA ARG C 112 -4.87 13.45 4.94
C ARG C 112 -3.73 12.79 5.74
N MET C 113 -4.07 11.85 6.62
CA MET C 113 -3.03 11.14 7.37
C MET C 113 -2.11 10.37 6.43
N SER C 114 -2.71 9.63 5.49
CA SER C 114 -1.92 8.85 4.54
C SER C 114 -1.03 9.76 3.69
N LYS C 115 -1.59 10.85 3.18
CA LYS C 115 -0.83 11.77 2.33
C LYS C 115 0.34 12.38 3.10
N MET C 116 0.10 12.80 4.34
N MET C 116 0.13 12.77 4.35
CA MET C 116 1.16 13.44 5.13
CA MET C 116 1.19 13.44 5.10
C MET C 116 2.31 12.47 5.41
C MET C 116 2.32 12.48 5.45
N LEU C 117 2.00 11.22 5.75
CA LEU C 117 3.07 10.27 6.05
C LEU C 117 3.89 9.97 4.80
N HIS C 118 3.26 9.99 3.63
CA HIS C 118 4.03 9.88 2.39
C HIS C 118 4.94 11.09 2.22
N ALA C 119 4.41 12.29 2.44
CA ALA C 119 5.23 13.49 2.35
C ALA C 119 6.40 13.45 3.31
N PHE C 120 6.20 12.85 4.49
CA PHE C 120 7.26 12.71 5.49
C PHE C 120 8.22 11.56 5.18
N ASP C 121 7.93 10.72 4.19
CA ASP C 121 8.75 9.54 3.91
C ASP C 121 8.87 8.65 5.15
N TYR C 122 7.77 8.52 5.89
CA TYR C 122 7.77 7.96 7.24
C TYR C 122 7.56 6.44 7.19
N GLY C 123 8.61 5.69 7.51
CA GLY C 123 8.48 4.23 7.60
C GLY C 123 7.99 3.62 6.30
N ASN C 124 7.08 2.64 6.43
CA ASN C 124 6.47 2.03 5.25
C ASN C 124 5.24 2.77 4.76
N GLU C 125 4.89 3.90 5.38
CA GLU C 125 3.84 4.82 4.91
C GLU C 125 2.47 4.15 4.84
N ASP C 126 2.24 3.09 5.62
CA ASP C 126 1.04 2.26 5.52
C ASP C 126 0.20 2.47 6.78
N ILE C 127 -0.98 3.08 6.62
CA ILE C 127 -1.84 3.38 7.76
C ILE C 127 -3.00 2.37 7.86
N SER C 128 -2.89 1.23 7.19
CA SER C 128 -3.97 0.24 7.21
C SER C 128 -4.39 -0.05 8.64
N GLY C 129 -5.70 -0.17 8.85
CA GLY C 129 -6.26 -0.33 10.18
C GLY C 129 -7.19 0.81 10.54
N ASN C 130 -7.49 0.96 11.84
CA ASN C 130 -8.34 2.05 12.27
C ASN C 130 -7.56 3.36 12.21
N VAL C 131 -8.21 4.42 11.72
CA VAL C 131 -7.53 5.70 11.58
C VAL C 131 -7.03 6.18 12.94
N ASP C 132 -7.69 5.76 14.02
CA ASP C 132 -7.33 6.17 15.38
C ASP C 132 -6.58 5.10 16.16
N SER C 133 -6.01 4.09 15.51
CA SER C 133 -5.17 3.14 16.25
C SER C 133 -4.13 2.42 15.41
N PHE C 134 -3.94 2.82 14.15
CA PHE C 134 -3.06 2.05 13.27
C PHE C 134 -1.61 2.07 13.77
N TRP C 135 -1.22 3.10 14.51
CA TRP C 135 0.15 3.13 15.03
C TRP C 135 0.34 2.23 16.25
N LEU C 136 -0.75 1.69 16.80
CA LEU C 136 -0.71 0.75 17.90
C LEU C 136 -1.02 -0.68 17.48
N ASP C 137 -1.88 -0.90 16.47
CA ASP C 137 -2.21 -2.26 16.08
C ASP C 137 -2.55 -2.38 14.59
N GLY C 138 -2.12 -1.43 13.76
CA GLY C 138 -2.33 -1.45 12.32
C GLY C 138 -1.09 -1.86 11.56
N GLY C 139 -1.00 -1.40 10.31
CA GLY C 139 0.02 -1.85 9.39
C GLY C 139 1.29 -1.01 9.28
N ILE C 140 1.37 0.11 9.98
CA ILE C 140 2.53 1.00 9.86
C ILE C 140 3.72 0.40 10.59
N ARG C 141 4.91 0.54 9.98
CA ARG C 141 6.14 0.00 10.54
C ARG C 141 7.28 0.97 10.25
N ILE C 142 8.21 1.09 11.19
CA ILE C 142 9.35 1.97 11.04
C ILE C 142 10.52 1.38 11.83
N SER C 143 11.72 1.51 11.26
CA SER C 143 12.94 1.04 11.90
C SER C 143 13.62 2.17 12.67
N ALA C 144 14.59 1.78 13.51
CA ALA C 144 15.35 2.77 14.27
C ALA C 144 16.10 3.72 13.35
N THR C 145 16.72 3.22 12.28
CA THR C 145 17.42 4.11 11.36
C THR C 145 16.45 5.03 10.63
N GLU C 146 15.24 4.55 10.34
CA GLU C 146 14.24 5.39 9.69
C GLU C 146 13.70 6.45 10.64
N GLN C 147 13.62 6.14 11.94
CA GLN C 147 13.27 7.17 12.92
C GLN C 147 14.30 8.28 12.91
N ILE C 148 15.59 7.95 12.87
CA ILE C 148 16.62 8.97 12.84
C ILE C 148 16.50 9.83 11.59
N SER C 149 16.28 9.21 10.42
CA SER C 149 16.14 9.98 9.19
C SER C 149 14.99 10.97 9.30
N PHE C 150 13.87 10.54 9.88
CA PHE C 150 12.73 11.44 10.07
C PHE C 150 13.07 12.55 11.06
N LEU C 151 13.73 12.21 12.17
CA LEU C 151 14.07 13.22 13.17
C LEU C 151 15.06 14.25 12.63
N ARG C 152 15.99 13.83 11.78
CA ARG C 152 16.94 14.78 11.21
C ARG C 152 16.22 15.83 10.38
N LYS C 153 15.22 15.43 9.60
CA LYS C 153 14.44 16.41 8.87
C LYS C 153 13.72 17.36 9.83
N LEU C 154 13.13 16.82 10.90
CA LEU C 154 12.45 17.66 11.87
C LEU C 154 13.42 18.66 12.50
N TYR C 155 14.59 18.19 12.92
CA TYR C 155 15.57 19.08 13.54
C TYR C 155 15.91 20.26 12.64
N HIS C 156 16.05 20.01 11.33
CA HIS C 156 16.44 21.03 10.37
C HIS C 156 15.26 21.78 9.77
N ASN C 157 14.04 21.55 10.27
CA ASN C 157 12.82 22.18 9.73
C ASN C 157 12.62 21.86 8.25
N LYS C 158 12.98 20.65 7.84
CA LYS C 158 12.90 20.24 6.44
C LYS C 158 11.69 19.37 6.13
N LEU C 159 10.85 19.06 7.10
CA LEU C 159 9.62 18.34 6.79
C LEU C 159 8.63 19.27 6.07
N HIS C 160 7.74 18.66 5.30
CA HIS C 160 6.80 19.42 4.47
C HIS C 160 5.57 19.82 5.28
N VAL C 161 5.85 20.52 6.38
CA VAL C 161 4.86 21.28 7.14
C VAL C 161 5.50 22.61 7.50
N SER C 162 4.71 23.50 8.09
CA SER C 162 5.22 24.85 8.35
C SER C 162 6.34 24.81 9.37
N GLU C 163 7.20 25.83 9.31
CA GLU C 163 8.25 25.97 10.32
C GLU C 163 7.64 26.07 11.72
N ARG C 164 6.55 26.81 11.85
CA ARG C 164 5.89 26.95 13.15
C ARG C 164 5.50 25.59 13.71
N SER C 165 4.88 24.74 12.89
CA SER C 165 4.47 23.42 13.36
C SER C 165 5.66 22.63 13.88
N GLN C 166 6.79 22.70 13.18
CA GLN C 166 7.96 21.95 13.59
C GLN C 166 8.56 22.50 14.88
N ARG C 167 8.58 23.83 15.03
CA ARG C 167 9.10 24.41 16.27
C ARG C 167 8.24 24.02 17.47
N ILE C 168 6.91 24.00 17.31
CA ILE C 168 6.04 23.66 18.43
C ILE C 168 6.24 22.21 18.86
N VAL C 169 6.35 21.29 17.90
CA VAL C 169 6.53 19.89 18.26
C VAL C 169 7.87 19.67 18.95
N LYS C 170 8.92 20.34 18.46
CA LYS C 170 10.22 20.20 19.12
C LYS C 170 10.20 20.76 20.54
N GLN C 171 9.42 21.81 20.78
CA GLN C 171 9.19 22.28 22.15
C GLN C 171 8.51 21.19 22.98
N ALA C 172 7.47 20.57 22.42
CA ALA C 172 6.75 19.52 23.16
C ALA C 172 7.60 18.29 23.40
N MET C 173 8.63 18.05 22.59
CA MET C 173 9.53 16.93 22.78
C MET C 173 10.55 17.16 23.88
N LEU C 174 10.64 18.37 24.44
CA LEU C 174 11.64 18.66 25.46
C LEU C 174 11.49 17.69 26.62
N THR C 175 12.57 16.98 26.94
CA THR C 175 12.58 15.95 27.97
C THR C 175 13.52 16.27 29.13
N GLU C 176 14.72 16.76 28.83
CA GLU C 176 15.70 17.05 29.87
C GLU C 176 16.62 18.15 29.37
N ALA C 177 17.06 19.02 30.28
CA ALA C 177 18.00 20.07 29.93
C ALA C 177 18.80 20.45 31.17
N ASN C 178 20.10 20.63 30.98
CA ASN C 178 20.99 21.09 32.04
C ASN C 178 22.16 21.81 31.39
N GLY C 179 23.17 22.15 32.18
CA GLY C 179 24.32 22.87 31.66
C GLY C 179 25.15 22.09 30.68
N ASP C 180 24.93 20.77 30.56
CA ASP C 180 25.74 19.92 29.72
C ASP C 180 25.06 19.49 28.42
N TYR C 181 23.74 19.34 28.42
CA TYR C 181 23.06 18.86 27.22
C TYR C 181 21.57 19.16 27.32
N ILE C 182 20.91 19.05 26.17
CA ILE C 182 19.45 19.10 26.05
C ILE C 182 19.01 17.83 25.31
N ILE C 183 17.99 17.16 25.82
CA ILE C 183 17.39 16.00 25.16
C ILE C 183 15.98 16.35 24.74
N ARG C 184 15.68 16.17 23.45
CA ARG C 184 14.33 16.20 22.91
C ARG C 184 14.03 14.81 22.37
N ALA C 185 12.94 14.19 22.86
CA ALA C 185 12.73 12.78 22.58
C ALA C 185 11.27 12.41 22.87
N LYS C 186 10.93 11.18 22.49
CA LYS C 186 9.61 10.62 22.75
C LYS C 186 9.74 9.12 22.99
N THR C 187 9.09 8.64 24.04
CA THR C 187 9.05 7.21 24.35
C THR C 187 7.93 6.52 23.58
N GLY C 188 8.08 5.20 23.45
CA GLY C 188 7.02 4.37 22.89
C GLY C 188 6.96 3.04 23.60
N TYR C 189 5.76 2.46 23.62
CA TYR C 189 5.53 1.17 24.26
C TYR C 189 4.48 0.45 23.44
N SER C 190 4.89 -0.60 22.73
CA SER C 190 4.02 -1.33 21.82
C SER C 190 3.63 -2.66 22.49
N THR C 191 2.34 -2.81 22.78
CA THR C 191 1.86 -3.98 23.51
C THR C 191 0.76 -4.75 22.81
N ARG C 192 0.13 -4.19 21.78
CA ARG C 192 -1.07 -4.81 21.22
C ARG C 192 -0.75 -5.94 20.24
N ILE C 193 0.41 -5.88 19.60
CA ILE C 193 0.83 -6.88 18.61
C ILE C 193 2.26 -7.32 18.95
N GLU C 194 2.51 -8.63 18.90
CA GLU C 194 3.84 -9.13 19.20
C GLU C 194 4.80 -8.75 18.08
N PRO C 195 6.10 -8.54 18.41
CA PRO C 195 6.66 -8.62 19.76
C PRO C 195 6.47 -7.32 20.54
N LYS C 196 6.17 -7.43 21.83
CA LYS C 196 6.07 -6.23 22.65
C LYS C 196 7.45 -5.60 22.79
N ILE C 197 7.55 -4.30 22.53
CA ILE C 197 8.81 -3.59 22.58
C ILE C 197 8.60 -2.22 23.21
N GLY C 198 9.72 -1.64 23.66
CA GLY C 198 9.75 -0.24 24.05
C GLY C 198 10.68 0.54 23.13
N TRP C 199 10.35 1.82 22.94
CA TRP C 199 11.10 2.75 22.11
C TRP C 199 11.58 3.93 22.93
N TRP C 200 12.71 4.52 22.51
CA TRP C 200 13.05 5.91 22.84
C TRP C 200 13.79 6.49 21.65
N VAL C 201 13.27 7.58 21.08
CA VAL C 201 13.86 8.22 19.91
C VAL C 201 13.94 9.72 20.15
N GLY C 202 15.00 10.33 19.63
CA GLY C 202 15.18 11.77 19.79
C GLY C 202 16.59 12.18 19.46
N TRP C 203 17.07 13.21 20.15
CA TRP C 203 18.43 13.66 19.95
C TRP C 203 18.94 14.38 21.18
N VAL C 204 20.28 14.45 21.27
CA VAL C 204 20.99 15.15 22.33
C VAL C 204 21.68 16.35 21.69
N GLU C 205 21.33 17.56 22.16
CA GLU C 205 21.96 18.77 21.70
C GLU C 205 23.16 19.10 22.59
N LEU C 206 24.33 19.26 21.96
CA LEU C 206 25.53 19.73 22.63
C LEU C 206 25.88 21.13 22.10
N ASP C 207 26.91 21.74 22.71
CA ASP C 207 27.34 23.06 22.30
C ASP C 207 27.68 23.12 20.81
N ASP C 208 28.36 22.09 20.29
CA ASP C 208 28.92 22.16 18.94
C ASP C 208 28.56 20.94 18.09
N ASN C 209 27.56 20.16 18.49
CA ASN C 209 27.17 18.99 17.73
C ASN C 209 25.80 18.54 18.21
N VAL C 210 25.16 17.66 17.44
N VAL C 210 25.17 17.67 17.42
CA VAL C 210 23.90 17.03 17.84
CA VAL C 210 23.91 17.02 17.78
C VAL C 210 23.99 15.56 17.52
C VAL C 210 24.08 15.53 17.54
N TRP C 211 23.65 14.72 18.50
CA TRP C 211 23.66 13.27 18.36
C TRP C 211 22.21 12.80 18.32
N PHE C 212 21.78 12.27 17.19
CA PHE C 212 20.47 11.66 17.09
C PHE C 212 20.52 10.23 17.61
N PHE C 213 19.41 9.77 18.19
CA PHE C 213 19.37 8.42 18.71
C PHE C 213 17.99 7.79 18.51
N ALA C 214 17.99 6.47 18.38
CA ALA C 214 16.78 5.68 18.35
C ALA C 214 17.11 4.32 18.92
N MET C 215 16.34 3.89 19.92
CA MET C 215 16.54 2.58 20.54
C MET C 215 15.21 1.87 20.65
N ASN C 216 15.25 0.55 20.53
CA ASN C 216 14.11 -0.26 20.94
C ASN C 216 14.63 -1.52 21.61
N MET C 217 13.76 -2.13 22.41
CA MET C 217 14.13 -3.29 23.20
C MET C 217 12.88 -4.12 23.46
N ASP C 218 13.09 -5.43 23.63
CA ASP C 218 11.99 -6.30 24.02
C ASP C 218 11.45 -5.88 25.38
N MET C 219 10.12 -5.90 25.51
CA MET C 219 9.45 -5.39 26.70
C MET C 219 8.29 -6.32 27.05
N PRO C 220 8.61 -7.53 27.54
CA PRO C 220 7.53 -8.49 27.85
C PRO C 220 6.61 -8.02 28.96
N THR C 221 7.10 -7.23 29.90
CA THR C 221 6.27 -6.62 30.93
C THR C 221 6.62 -5.14 31.05
N SER C 222 5.74 -4.40 31.71
CA SER C 222 5.95 -2.97 31.91
C SER C 222 7.02 -2.68 32.97
N ASP C 223 7.49 -3.71 33.69
CA ASP C 223 8.48 -3.50 34.74
C ASP C 223 9.78 -2.91 34.19
N GLY C 224 10.07 -3.14 32.92
CA GLY C 224 11.33 -2.72 32.33
C GLY C 224 11.31 -1.40 31.59
N LEU C 225 10.23 -0.63 31.69
CA LEU C 225 10.11 0.58 30.87
C LEU C 225 11.23 1.56 31.15
N GLY C 226 11.68 1.66 32.39
CA GLY C 226 12.76 2.59 32.72
C GLY C 226 14.07 2.27 32.04
N LEU C 227 14.23 1.04 31.56
CA LEU C 227 15.46 0.65 30.88
C LEU C 227 15.61 1.33 29.53
N ARG C 228 14.50 1.81 28.93
CA ARG C 228 14.61 2.51 27.66
C ARG C 228 15.58 3.68 27.78
N GLN C 229 15.37 4.54 28.78
CA GLN C 229 16.25 5.68 28.98
C GLN C 229 17.57 5.26 29.64
N ALA C 230 17.53 4.30 30.56
CA ALA C 230 18.73 3.95 31.32
C ALA C 230 19.80 3.35 30.41
N ILE C 231 19.41 2.41 29.53
CA ILE C 231 20.38 1.78 28.64
C ILE C 231 20.93 2.81 27.65
N THR C 232 20.04 3.62 27.06
CA THR C 232 20.50 4.66 26.14
C THR C 232 21.54 5.54 26.80
N LYS C 233 21.28 5.97 28.04
CA LYS C 233 22.20 6.87 28.72
C LYS C 233 23.52 6.17 29.05
N GLU C 234 23.50 4.86 29.31
CA GLU C 234 24.74 4.13 29.54
C GLU C 234 25.60 4.13 28.28
N VAL C 235 24.99 3.99 27.11
CA VAL C 235 25.73 4.09 25.86
C VAL C 235 26.28 5.49 25.68
N LEU C 236 25.42 6.51 25.85
CA LEU C 236 25.87 7.89 25.70
C LEU C 236 27.02 8.21 26.62
N LYS C 237 26.98 7.69 27.86
CA LYS C 237 28.06 7.92 28.80
C LYS C 237 29.33 7.20 28.36
N GLN C 238 29.21 5.95 27.91
CA GLN C 238 30.37 5.21 27.45
C GLN C 238 31.07 5.94 26.30
N GLU C 239 30.29 6.54 25.40
CA GLU C 239 30.83 7.26 24.26
C GLU C 239 31.18 8.71 24.59
N LYS C 240 31.12 9.09 25.88
CA LYS C 240 31.51 10.42 26.33
C LYS C 240 30.72 11.52 25.64
N ILE C 241 29.47 11.21 25.29
CA ILE C 241 28.56 12.23 24.75
C ILE C 241 27.94 13.04 25.88
N ILE C 242 27.61 12.37 26.99
CA ILE C 242 27.14 13.06 28.19
C ILE C 242 28.05 12.64 29.34
N PRO C 243 28.15 13.46 30.40
CA PRO C 243 28.99 13.10 31.54
C PRO C 243 28.54 11.82 32.24
N GLU D 2 10.66 27.10 -27.30
CA GLU D 2 9.48 27.84 -26.87
C GLU D 2 8.88 27.22 -25.61
N TRP D 3 8.95 25.90 -25.50
CA TRP D 3 8.40 25.19 -24.36
C TRP D 3 9.46 24.27 -23.77
N GLN D 4 9.60 24.33 -22.46
CA GLN D 4 10.54 23.48 -21.72
C GLN D 4 9.78 22.72 -20.65
N GLU D 5 10.13 21.44 -20.49
CA GLU D 5 9.48 20.58 -19.52
C GLU D 5 10.40 20.41 -18.31
N ASN D 6 9.87 20.65 -17.12
CA ASN D 6 10.62 20.54 -15.86
C ASN D 6 9.88 19.55 -14.96
N LYS D 7 10.26 18.28 -15.05
CA LYS D 7 9.58 17.25 -14.28
C LYS D 7 9.86 17.33 -12.79
N SER D 8 10.84 18.13 -12.36
CA SER D 8 11.10 18.27 -10.93
C SER D 8 9.90 18.87 -10.20
N TRP D 9 9.05 19.62 -10.90
CA TRP D 9 7.83 20.14 -10.29
C TRP D 9 6.84 19.04 -9.93
N ASN D 10 6.97 17.85 -10.52
CA ASN D 10 6.05 16.76 -10.22
C ASN D 10 6.05 16.43 -8.73
N ALA D 11 7.16 16.64 -8.05
CA ALA D 11 7.21 16.37 -6.62
C ALA D 11 6.15 17.16 -5.87
N HIS D 12 5.85 18.37 -6.32
CA HIS D 12 4.85 19.19 -5.66
C HIS D 12 3.47 18.54 -5.68
N PHE D 13 3.19 17.73 -6.71
CA PHE D 13 1.93 17.00 -6.79
C PHE D 13 2.00 15.66 -6.07
N THR D 14 3.09 14.92 -6.26
CA THR D 14 3.19 13.58 -5.66
C THR D 14 3.26 13.66 -4.15
N GLU D 15 3.78 14.75 -3.60
CA GLU D 15 3.81 14.90 -2.14
C GLU D 15 2.42 14.83 -1.54
N HIS D 16 1.39 15.20 -2.29
CA HIS D 16 0.01 15.14 -1.85
C HIS D 16 -0.73 13.95 -2.45
N LYS D 17 0.00 12.99 -3.02
CA LYS D 17 -0.60 11.82 -3.67
C LYS D 17 -1.62 12.27 -4.71
N SER D 18 -1.29 13.31 -5.45
CA SER D 18 -2.17 13.86 -6.47
C SER D 18 -1.42 13.93 -7.79
N GLN D 19 -2.13 14.33 -8.83
CA GLN D 19 -1.54 14.48 -10.15
C GLN D 19 -2.13 15.73 -10.78
N GLY D 20 -1.31 16.45 -11.53
CA GLY D 20 -1.79 17.65 -12.17
C GLY D 20 -0.70 18.28 -13.02
N VAL D 21 -0.97 19.51 -13.47
CA VAL D 21 -0.04 20.25 -14.30
C VAL D 21 -0.03 21.71 -13.86
N VAL D 22 1.16 22.30 -13.87
CA VAL D 22 1.34 23.74 -13.79
C VAL D 22 1.98 24.20 -15.09
N VAL D 23 1.43 25.25 -15.70
CA VAL D 23 1.97 25.85 -16.91
C VAL D 23 2.29 27.30 -16.60
N LEU D 24 3.52 27.72 -16.91
CA LEU D 24 3.97 29.10 -16.72
C LEU D 24 4.40 29.68 -18.06
N TRP D 25 4.14 30.97 -18.24
CA TRP D 25 4.56 31.69 -19.44
C TRP D 25 5.24 32.98 -19.05
N ASN D 26 6.51 33.12 -19.47
CA ASN D 26 7.30 34.32 -19.25
C ASN D 26 7.02 35.30 -20.39
N GLU D 27 6.29 36.38 -20.08
CA GLU D 27 5.86 37.28 -21.15
C GLU D 27 7.04 37.98 -21.81
N ASN D 28 8.01 38.45 -21.02
CA ASN D 28 9.15 39.17 -21.60
C ASN D 28 9.91 38.30 -22.58
N LYS D 29 10.18 37.05 -22.20
CA LYS D 29 11.01 36.16 -23.02
C LYS D 29 10.22 35.32 -24.01
N GLN D 30 8.89 35.32 -23.92
CA GLN D 30 8.05 34.52 -24.81
C GLN D 30 8.46 33.05 -24.74
N GLN D 31 8.54 32.53 -23.51
CA GLN D 31 8.94 31.17 -23.23
C GLN D 31 8.00 30.54 -22.22
N GLY D 32 7.67 29.27 -22.44
CA GLY D 32 6.78 28.55 -21.54
C GLY D 32 7.47 27.42 -20.83
N PHE D 33 6.93 27.04 -19.67
CA PHE D 33 7.49 26.00 -18.81
C PHE D 33 6.36 25.21 -18.19
N THR D 34 6.54 23.89 -18.11
CA THR D 34 5.52 23.04 -17.50
C THR D 34 6.15 21.75 -17.00
N ASN D 35 5.45 21.08 -16.07
CA ASN D 35 5.91 19.78 -15.60
C ASN D 35 5.44 18.64 -16.50
N ASN D 36 4.47 18.87 -17.38
CA ASN D 36 3.86 17.79 -18.16
C ASN D 36 3.32 18.41 -19.44
N LEU D 37 4.08 18.31 -20.52
CA LEU D 37 3.68 18.91 -21.79
C LEU D 37 2.35 18.34 -22.28
N LYS D 38 2.11 17.04 -22.07
CA LYS D 38 0.88 16.43 -22.54
C LYS D 38 -0.33 16.98 -21.80
N ARG D 39 -0.30 16.94 -20.47
CA ARG D 39 -1.47 17.42 -19.72
C ARG D 39 -1.63 18.92 -19.88
N ALA D 40 -0.55 19.65 -20.14
CA ALA D 40 -0.67 21.09 -20.37
C ALA D 40 -1.58 21.37 -21.56
N ASN D 41 -1.69 20.43 -22.50
CA ASN D 41 -2.52 20.59 -23.68
C ASN D 41 -3.78 19.73 -23.62
N GLN D 42 -4.07 19.12 -22.48
CA GLN D 42 -5.30 18.35 -22.34
C GLN D 42 -6.45 19.29 -22.00
N ALA D 43 -7.57 19.12 -22.70
CA ALA D 43 -8.70 20.03 -22.59
C ALA D 43 -9.73 19.45 -21.62
N PHE D 44 -10.12 20.26 -20.64
CA PHE D 44 -11.11 19.92 -19.62
C PHE D 44 -12.25 20.93 -19.63
N LEU D 45 -13.34 20.57 -18.94
CA LEU D 45 -14.36 21.56 -18.62
C LEU D 45 -13.72 22.72 -17.85
N PRO D 46 -14.04 23.97 -18.19
CA PRO D 46 -13.45 25.10 -17.46
C PRO D 46 -14.04 25.34 -16.08
N ALA D 47 -15.28 24.90 -15.84
CA ALA D 47 -16.00 25.18 -14.61
C ALA D 47 -15.93 26.68 -14.31
N SER D 48 -15.67 27.06 -13.06
CA SER D 48 -15.81 28.47 -12.71
C SER D 48 -14.74 29.37 -13.31
N THR D 49 -13.69 28.82 -13.95
CA THR D 49 -12.79 29.71 -14.70
C THR D 49 -13.53 30.36 -15.86
N PHE D 50 -14.67 29.82 -16.26
CA PHE D 50 -15.47 30.40 -17.33
C PHE D 50 -16.09 31.74 -16.90
N KCX D 51 -16.04 32.05 -15.60
CA KCX D 51 -16.60 33.32 -15.14
CB KCX D 51 -16.62 33.37 -13.61
CG KCX D 51 -17.72 32.46 -13.03
CD KCX D 51 -17.91 32.58 -11.52
CE KCX D 51 -19.11 31.73 -11.05
NZ KCX D 51 -18.85 30.28 -11.25
C KCX D 51 -15.81 34.49 -15.74
O KCX D 51 -16.33 35.61 -15.81
CX KCX D 51 -19.41 29.59 -12.25
OQ1 KCX D 51 -19.16 28.39 -12.37
OQ2 KCX D 51 -20.21 30.15 -13.02
H KCX D 51 -15.70 31.56 -14.99
HA KCX D 51 -17.51 33.39 -15.46
HB2 KCX D 51 -15.77 33.08 -13.27
HG2 KCX D 51 -17.49 31.53 -13.23
HD2 KCX D 51 -18.10 33.51 -11.30
HE2 KCX D 51 -19.25 31.88 -10.10
N ILE D 52 -14.58 34.26 -16.21
CA ILE D 52 -13.82 35.32 -16.85
C ILE D 52 -14.48 35.71 -18.18
N PRO D 53 -14.58 34.78 -19.14
CA PRO D 53 -15.26 35.14 -20.41
C PRO D 53 -16.72 35.51 -20.21
N ASN D 54 -17.42 34.84 -19.29
CA ASN D 54 -18.82 35.16 -19.04
C ASN D 54 -18.97 36.60 -18.56
N SER D 55 -18.10 37.03 -17.65
CA SER D 55 -18.14 38.43 -17.19
C SER D 55 -17.89 39.40 -18.33
N LEU D 56 -16.90 39.11 -19.18
CA LEU D 56 -16.58 40.00 -20.29
C LEU D 56 -17.79 40.17 -21.22
N ILE D 57 -18.47 39.06 -21.51
CA ILE D 57 -19.60 39.11 -22.43
C ILE D 57 -20.77 39.86 -21.80
N ALA D 58 -21.06 39.57 -20.53
CA ALA D 58 -22.17 40.25 -19.87
C ALA D 58 -21.94 41.76 -19.82
N LEU D 59 -20.71 42.19 -19.53
CA LEU D 59 -20.42 43.61 -19.50
C LEU D 59 -20.56 44.25 -20.88
N ASP D 60 -20.02 43.60 -21.91
CA ASP D 60 -19.98 44.25 -23.22
C ASP D 60 -21.38 44.34 -23.83
N LEU D 61 -22.28 43.44 -23.46
CA LEU D 61 -23.65 43.48 -23.95
C LEU D 61 -24.58 44.31 -23.06
N GLY D 62 -24.10 44.81 -21.93
CA GLY D 62 -24.94 45.59 -21.05
C GLY D 62 -25.79 44.79 -20.10
N VAL D 63 -25.63 43.46 -20.07
CA VAL D 63 -26.31 42.65 -19.06
C VAL D 63 -25.89 43.07 -17.68
N VAL D 64 -24.62 43.42 -17.51
CA VAL D 64 -24.08 44.01 -16.29
C VAL D 64 -23.65 45.43 -16.65
N LYS D 65 -24.17 46.42 -15.92
CA LYS D 65 -23.88 47.81 -16.22
C LYS D 65 -22.49 48.21 -15.76
N ASP D 66 -22.12 47.82 -14.53
CA ASP D 66 -20.79 48.10 -14.00
C ASP D 66 -20.55 47.18 -12.81
N GLU D 67 -19.40 47.36 -12.16
CA GLU D 67 -19.00 46.47 -11.08
C GLU D 67 -19.75 46.74 -9.78
N HIS D 68 -20.62 47.75 -9.74
CA HIS D 68 -21.41 48.05 -8.54
C HIS D 68 -22.84 47.55 -8.60
N GLN D 69 -23.34 47.21 -9.79
CA GLN D 69 -24.72 46.75 -9.92
C GLN D 69 -24.96 45.55 -9.01
N VAL D 70 -26.07 45.58 -8.28
CA VAL D 70 -26.39 44.54 -7.30
C VAL D 70 -27.31 43.52 -7.94
N PHE D 71 -26.96 42.24 -7.78
CA PHE D 71 -27.78 41.12 -8.23
C PHE D 71 -28.34 40.47 -6.97
N LYS D 72 -29.64 40.67 -6.74
CA LYS D 72 -30.26 40.24 -5.49
C LYS D 72 -30.37 38.73 -5.40
N TRP D 73 -30.15 38.22 -4.19
CA TRP D 73 -30.40 36.81 -3.92
C TRP D 73 -31.83 36.46 -4.28
N ASP D 74 -32.01 35.32 -4.96
CA ASP D 74 -33.34 34.90 -5.39
C ASP D 74 -34.13 34.21 -4.28
N GLY D 75 -33.61 34.17 -3.06
CA GLY D 75 -34.33 33.60 -1.94
C GLY D 75 -34.27 32.09 -1.81
N GLN D 76 -33.55 31.41 -2.71
CA GLN D 76 -33.38 29.97 -2.62
C GLN D 76 -32.13 29.66 -1.80
N THR D 77 -32.31 28.98 -0.68
CA THR D 77 -31.17 28.61 0.16
C THR D 77 -30.39 27.49 -0.53
N ARG D 78 -29.12 27.75 -0.81
CA ARG D 78 -28.23 26.79 -1.44
C ARG D 78 -27.16 26.37 -0.44
N ASP D 79 -26.41 25.32 -0.81
CA ASP D 79 -25.49 24.70 0.13
C ASP D 79 -24.21 25.51 0.35
N ILE D 80 -24.00 26.59 -0.41
CA ILE D 80 -22.86 27.47 -0.22
C ILE D 80 -23.38 28.73 0.45
N ALA D 81 -23.01 28.93 1.72
CA ALA D 81 -23.59 30.00 2.52
C ALA D 81 -23.38 31.37 1.86
N THR D 82 -22.18 31.62 1.34
CA THR D 82 -21.90 32.92 0.74
C THR D 82 -22.72 33.20 -0.52
N TRP D 83 -23.36 32.18 -1.09
CA TRP D 83 -24.23 32.39 -2.24
C TRP D 83 -25.60 32.91 -1.86
N ASN D 84 -25.99 32.79 -0.59
CA ASN D 84 -27.32 33.17 -0.13
C ASN D 84 -27.38 34.62 0.33
N ARG D 85 -26.96 35.53 -0.55
CA ARG D 85 -26.94 36.95 -0.24
C ARG D 85 -26.82 37.72 -1.55
N ASP D 86 -27.00 39.04 -1.45
CA ASP D 86 -26.82 39.90 -2.62
C ASP D 86 -25.35 39.97 -3.01
N HIS D 87 -25.10 40.17 -4.30
CA HIS D 87 -23.74 40.25 -4.82
C HIS D 87 -23.66 41.32 -5.89
N ASN D 88 -22.43 41.78 -6.12
CA ASN D 88 -22.07 42.52 -7.32
C ASN D 88 -21.03 41.72 -8.08
N LEU D 89 -20.52 42.28 -9.18
CA LEU D 89 -19.57 41.53 -10.01
C LEU D 89 -18.32 41.15 -9.23
N ILE D 90 -17.84 42.05 -8.36
CA ILE D 90 -16.63 41.78 -7.60
C ILE D 90 -16.84 40.60 -6.66
N THR D 91 -17.92 40.65 -5.87
CA THR D 91 -18.15 39.60 -4.88
C THR D 91 -18.63 38.31 -5.53
N ALA D 92 -19.34 38.41 -6.66
CA ALA D 92 -19.76 37.20 -7.36
C ALA D 92 -18.55 36.42 -7.86
N MET D 93 -17.52 37.10 -8.32
N MET D 93 -17.53 37.12 -8.36
CA MET D 93 -16.31 36.39 -8.75
CA MET D 93 -16.28 36.47 -8.75
C MET D 93 -15.50 35.91 -7.54
C MET D 93 -15.56 35.91 -7.54
N LYS D 94 -15.44 36.72 -6.48
CA LYS D 94 -14.71 36.32 -5.29
C LYS D 94 -15.24 35.01 -4.70
N TYR D 95 -16.56 34.88 -4.63
CA TYR D 95 -17.19 33.72 -4.02
C TYR D 95 -17.70 32.73 -5.05
N SER D 96 -17.35 32.92 -6.33
CA SER D 96 -17.68 31.99 -7.40
C SER D 96 -19.17 31.62 -7.37
N VAL D 97 -20.01 32.65 -7.45
CA VAL D 97 -21.44 32.52 -7.25
C VAL D 97 -22.11 32.04 -8.54
N VAL D 98 -22.19 30.71 -8.69
CA VAL D 98 -22.77 30.13 -9.91
C VAL D 98 -24.13 30.71 -10.26
N PRO D 99 -25.11 30.76 -9.34
CA PRO D 99 -26.45 31.18 -9.77
C PRO D 99 -26.51 32.59 -10.35
N VAL D 100 -25.62 33.49 -9.93
CA VAL D 100 -25.57 34.82 -10.53
C VAL D 100 -25.14 34.73 -11.98
N TYR D 101 -24.12 33.91 -12.26
CA TYR D 101 -23.61 33.78 -13.63
C TYR D 101 -24.54 32.95 -14.51
N GLN D 102 -25.33 32.05 -13.92
CA GLN D 102 -26.34 31.36 -14.71
C GLN D 102 -27.38 32.35 -15.21
N GLU D 103 -27.74 33.34 -14.38
CA GLU D 103 -28.66 34.38 -14.83
C GLU D 103 -28.03 35.22 -15.93
N PHE D 104 -26.75 35.57 -15.79
CA PHE D 104 -26.03 36.25 -16.88
C PHE D 104 -26.18 35.47 -18.18
N ALA D 105 -25.90 34.17 -18.13
CA ALA D 105 -25.88 33.36 -19.34
C ALA D 105 -27.25 33.30 -19.99
N ARG D 106 -28.32 33.19 -19.20
CA ARG D 106 -29.66 33.16 -19.79
C ARG D 106 -29.95 34.47 -20.51
N GLN D 107 -29.52 35.60 -19.95
CA GLN D 107 -29.77 36.88 -20.60
C GLN D 107 -28.90 37.05 -21.84
N ILE D 108 -27.67 36.53 -21.81
CA ILE D 108 -26.81 36.57 -22.99
C ILE D 108 -27.45 35.78 -24.13
N GLY D 109 -27.85 34.54 -23.85
CA GLY D 109 -28.49 33.71 -24.84
C GLY D 109 -27.49 32.88 -25.65
N GLU D 110 -28.00 31.79 -26.22
CA GLU D 110 -27.14 30.84 -26.93
C GLU D 110 -26.43 31.49 -28.10
N ALA D 111 -27.17 32.24 -28.92
CA ALA D 111 -26.59 32.78 -30.15
C ALA D 111 -25.43 33.71 -29.85
N ARG D 112 -25.63 34.67 -28.94
CA ARG D 112 -24.57 35.63 -28.64
C ARG D 112 -23.43 34.98 -27.89
N MET D 113 -23.72 34.01 -27.01
CA MET D 113 -22.66 33.31 -26.30
C MET D 113 -21.75 32.58 -27.28
N SER D 114 -22.33 31.84 -28.22
CA SER D 114 -21.54 31.10 -29.20
C SER D 114 -20.70 32.05 -30.05
N LYS D 115 -21.30 33.13 -30.52
CA LYS D 115 -20.57 34.08 -31.36
C LYS D 115 -19.37 34.66 -30.62
N MET D 116 -19.54 34.96 -29.33
CA MET D 116 -18.46 35.60 -28.58
C MET D 116 -17.34 34.62 -28.26
N LEU D 117 -17.66 33.36 -28.00
CA LEU D 117 -16.59 32.40 -27.72
C LEU D 117 -15.77 32.11 -28.97
N HIS D 118 -16.42 32.08 -30.14
N HIS D 118 -16.43 32.06 -30.13
CA HIS D 118 -15.65 32.00 -31.38
CA HIS D 118 -15.68 32.01 -31.39
C HIS D 118 -14.78 33.25 -31.54
C HIS D 118 -14.79 33.23 -31.53
N ALA D 119 -15.32 34.42 -31.21
CA ALA D 119 -14.54 35.65 -31.30
C ALA D 119 -13.35 35.62 -30.35
N PHE D 120 -13.52 34.99 -29.18
CA PHE D 120 -12.44 34.84 -28.21
C PHE D 120 -11.48 33.71 -28.55
N ASP D 121 -11.78 32.87 -29.55
CA ASP D 121 -10.97 31.69 -29.85
C ASP D 121 -10.84 30.80 -28.61
N TYR D 122 -11.92 30.68 -27.85
CA TYR D 122 -11.88 30.11 -26.51
C TYR D 122 -12.07 28.60 -26.56
N GLY D 123 -11.00 27.86 -26.24
CA GLY D 123 -11.10 26.41 -26.16
C GLY D 123 -11.61 25.81 -27.45
N ASN D 124 -12.50 24.81 -27.32
CA ASN D 124 -13.11 24.19 -28.48
C ASN D 124 -14.35 24.92 -28.96
N GLU D 125 -14.71 26.04 -28.33
CA GLU D 125 -15.76 26.94 -28.81
C GLU D 125 -17.12 26.24 -28.91
N ASP D 126 -17.35 25.19 -28.13
CA ASP D 126 -18.54 24.35 -28.22
C ASP D 126 -19.38 24.57 -26.96
N ILE D 127 -20.55 25.18 -27.12
CA ILE D 127 -21.42 25.48 -25.98
C ILE D 127 -22.58 24.49 -25.87
N SER D 128 -22.47 23.34 -26.52
CA SER D 128 -23.54 22.34 -26.49
C SER D 128 -23.94 22.04 -25.05
N GLY D 129 -25.25 21.93 -24.82
CA GLY D 129 -25.79 21.76 -23.48
C GLY D 129 -26.71 22.90 -23.09
N ASN D 130 -26.99 23.04 -21.81
CA ASN D 130 -27.84 24.14 -21.35
C ASN D 130 -27.06 25.45 -21.42
N VAL D 131 -27.73 26.50 -21.89
CA VAL D 131 -27.04 27.78 -22.03
C VAL D 131 -26.53 28.26 -20.68
N ASP D 132 -27.18 27.83 -19.59
CA ASP D 132 -26.81 28.25 -18.25
C ASP D 132 -26.05 27.18 -17.45
N SER D 133 -25.47 26.18 -18.12
CA SER D 133 -24.63 25.24 -17.37
C SER D 133 -23.59 24.52 -18.24
N PHE D 134 -23.42 24.93 -19.49
CA PHE D 134 -22.55 24.17 -20.39
C PHE D 134 -21.10 24.18 -19.92
N TRP D 135 -20.69 25.22 -19.18
CA TRP D 135 -19.31 25.24 -18.67
C TRP D 135 -19.11 24.33 -17.46
N LEU D 136 -20.19 23.78 -16.91
CA LEU D 136 -20.14 22.84 -15.80
C LEU D 136 -20.44 21.41 -16.20
N ASP D 137 -21.31 21.19 -17.20
CA ASP D 137 -21.65 19.83 -17.60
C ASP D 137 -22.01 19.72 -19.08
N GLY D 138 -21.59 20.67 -19.91
CA GLY D 138 -21.82 20.65 -21.34
C GLY D 138 -20.58 20.24 -22.13
N GLY D 139 -20.52 20.73 -23.38
CA GLY D 139 -19.51 20.30 -24.32
C GLY D 139 -18.26 21.15 -24.43
N ILE D 140 -18.17 22.26 -23.72
CA ILE D 140 -17.03 23.15 -23.85
C ILE D 140 -15.81 22.55 -23.14
N ARG D 141 -14.64 22.70 -23.76
CA ARG D 141 -13.39 22.17 -23.23
C ARG D 141 -12.27 23.15 -23.54
N ILE D 142 -11.32 23.27 -22.61
CA ILE D 142 -10.18 24.17 -22.78
C ILE D 142 -8.99 23.58 -22.02
N SER D 143 -7.80 23.74 -22.59
CA SER D 143 -6.57 23.27 -21.99
C SER D 143 -5.88 24.39 -21.23
N ALA D 144 -4.89 24.01 -20.40
CA ALA D 144 -4.12 25.00 -19.65
C ALA D 144 -3.39 25.97 -20.57
N THR D 145 -2.79 25.48 -21.65
CA THR D 145 -2.11 26.39 -22.58
C THR D 145 -3.10 27.30 -23.28
N GLU D 146 -4.32 26.81 -23.55
CA GLU D 146 -5.33 27.66 -24.17
C GLU D 146 -5.85 28.72 -23.20
N GLN D 147 -5.90 28.41 -21.90
CA GLN D 147 -6.23 29.41 -20.90
C GLN D 147 -5.20 30.55 -20.93
N ILE D 148 -3.91 30.20 -21.00
CA ILE D 148 -2.88 31.24 -21.02
C ILE D 148 -3.02 32.10 -22.26
N SER D 149 -3.23 31.48 -23.42
N SER D 149 -3.23 31.48 -23.42
CA SER D 149 -3.40 32.26 -24.65
CA SER D 149 -3.41 32.25 -24.65
C SER D 149 -4.55 33.26 -24.52
C SER D 149 -4.55 33.25 -24.51
N PHE D 150 -5.67 32.81 -23.95
CA PHE D 150 -6.81 33.68 -23.74
C PHE D 150 -6.49 34.80 -22.74
N LEU D 151 -5.82 34.45 -21.64
CA LEU D 151 -5.48 35.44 -20.62
C LEU D 151 -4.50 36.48 -21.15
N ARG D 152 -3.57 36.08 -22.02
CA ARG D 152 -2.63 37.04 -22.59
C ARG D 152 -3.36 38.10 -23.39
N LYS D 153 -4.37 37.69 -24.16
CA LYS D 153 -5.17 38.67 -24.89
C LYS D 153 -5.87 39.61 -23.91
N LEU D 154 -6.44 39.06 -22.84
CA LEU D 154 -7.12 39.91 -21.86
C LEU D 154 -6.15 40.91 -21.24
N TYR D 155 -4.97 40.44 -20.84
CA TYR D 155 -3.99 41.32 -20.23
C TYR D 155 -3.66 42.50 -21.14
N HIS D 156 -3.55 42.26 -22.45
CA HIS D 156 -3.17 43.28 -23.41
C HIS D 156 -4.38 44.03 -24.00
N ASN D 157 -5.59 43.79 -23.49
CA ASN D 157 -6.80 44.42 -24.00
C ASN D 157 -7.03 44.10 -25.48
N LYS D 158 -6.66 42.88 -25.89
CA LYS D 158 -6.75 42.47 -27.29
C LYS D 158 -7.96 41.59 -27.60
N LEU D 159 -8.79 41.27 -26.60
CA LEU D 159 -10.02 40.54 -26.90
C LEU D 159 -11.01 41.47 -27.58
N HIS D 160 -11.93 40.88 -28.34
CA HIS D 160 -12.87 41.68 -29.12
C HIS D 160 -14.11 42.02 -28.31
N VAL D 161 -13.84 42.72 -27.21
CA VAL D 161 -14.83 43.47 -26.45
C VAL D 161 -14.15 44.80 -26.13
N SER D 162 -14.91 45.71 -25.52
CA SER D 162 -14.37 47.05 -25.29
C SER D 162 -13.22 47.00 -24.28
N GLU D 163 -12.36 48.02 -24.34
CA GLU D 163 -11.31 48.15 -23.34
C GLU D 163 -11.91 48.23 -21.94
N ARG D 164 -13.01 48.97 -21.80
CA ARG D 164 -13.66 49.11 -20.49
C ARG D 164 -14.05 47.75 -19.93
N SER D 165 -14.70 46.90 -20.73
CA SER D 165 -15.12 45.60 -20.25
C SER D 165 -13.92 44.79 -19.76
N GLN D 166 -12.80 44.85 -20.48
CA GLN D 166 -11.63 44.08 -20.09
C GLN D 166 -11.00 44.65 -18.81
N ARG D 167 -10.98 45.97 -18.67
CA ARG D 167 -10.45 46.55 -17.44
C ARG D 167 -11.29 46.16 -16.23
N ILE D 168 -12.62 46.15 -16.38
CA ILE D 168 -13.48 45.81 -15.25
C ILE D 168 -13.26 44.37 -14.82
N VAL D 169 -13.15 43.45 -15.78
CA VAL D 169 -12.97 42.04 -15.43
C VAL D 169 -11.61 41.82 -14.77
N LYS D 170 -10.56 42.51 -15.24
CA LYS D 170 -9.26 42.37 -14.60
C LYS D 170 -9.29 42.92 -13.17
N GLN D 171 -10.08 43.98 -12.93
CA GLN D 171 -10.31 44.43 -11.56
C GLN D 171 -10.96 43.34 -10.73
N ALA D 172 -12.01 42.71 -11.27
CA ALA D 172 -12.72 41.68 -10.54
C ALA D 172 -11.88 40.43 -10.30
N MET D 173 -10.84 40.19 -11.12
CA MET D 173 -9.93 39.07 -10.93
C MET D 173 -8.91 39.29 -9.84
N LEU D 174 -8.80 40.51 -9.31
CA LEU D 174 -7.80 40.80 -8.29
C LEU D 174 -7.94 39.82 -7.13
N THR D 175 -6.86 39.12 -6.83
CA THR D 175 -6.84 38.10 -5.80
C THR D 175 -5.89 38.42 -4.66
N GLU D 176 -4.70 38.92 -4.96
CA GLU D 176 -3.72 39.21 -3.92
C GLU D 176 -2.81 40.33 -4.42
N ALA D 177 -2.40 41.18 -3.49
CA ALA D 177 -1.46 42.26 -3.82
C ALA D 177 -0.67 42.61 -2.57
N ASN D 178 0.63 42.78 -2.76
CA ASN D 178 1.53 43.20 -1.70
C ASN D 178 2.69 43.94 -2.35
N GLY D 179 3.70 44.28 -1.56
CA GLY D 179 4.84 45.02 -2.08
C GLY D 179 5.68 44.26 -3.08
N ASP D 180 5.45 42.95 -3.22
CA ASP D 180 6.28 42.11 -4.08
C ASP D 180 5.61 41.70 -5.38
N TYR D 181 4.29 41.53 -5.40
CA TYR D 181 3.62 41.07 -6.61
C TYR D 181 2.12 41.33 -6.49
N ILE D 182 1.45 41.23 -7.63
CA ILE D 182 0.00 41.27 -7.75
C ILE D 182 -0.43 40.01 -8.50
N ILE D 183 -1.44 39.31 -7.98
CA ILE D 183 -2.03 38.16 -8.66
C ILE D 183 -3.46 38.51 -9.06
N ARG D 184 -3.77 38.34 -10.35
CA ARG D 184 -5.14 38.37 -10.86
C ARG D 184 -5.44 36.99 -11.41
N ALA D 185 -6.51 36.37 -10.93
CA ALA D 185 -6.71 34.95 -11.21
C ALA D 185 -8.16 34.56 -10.92
N LYS D 186 -8.49 33.33 -11.29
CA LYS D 186 -9.80 32.75 -11.01
C LYS D 186 -9.65 31.26 -10.77
N THR D 187 -10.30 30.77 -9.72
CA THR D 187 -10.34 29.34 -9.41
C THR D 187 -11.47 28.65 -10.15
N GLY D 188 -11.33 27.34 -10.30
CA GLY D 188 -12.39 26.51 -10.85
C GLY D 188 -12.42 25.17 -10.15
N TYR D 189 -13.60 24.57 -10.12
CA TYR D 189 -13.82 23.28 -9.48
C TYR D 189 -14.87 22.54 -10.29
N SER D 190 -14.46 21.50 -11.01
CA SER D 190 -15.34 20.76 -11.92
C SER D 190 -15.69 19.43 -11.26
N THR D 191 -16.98 19.25 -10.93
CA THR D 191 -17.44 18.06 -10.23
C THR D 191 -18.56 17.31 -10.92
N ARG D 192 -19.21 17.89 -11.93
CA ARG D 192 -20.43 17.28 -12.46
C ARG D 192 -20.13 16.15 -13.43
N ILE D 193 -18.97 16.18 -14.10
CA ILE D 193 -18.58 15.17 -15.06
C ILE D 193 -17.14 14.75 -14.77
N GLU D 194 -16.88 13.44 -14.82
CA GLU D 194 -15.54 12.96 -14.53
C GLU D 194 -14.59 13.37 -15.66
N PRO D 195 -13.30 13.60 -15.36
CA PRO D 195 -12.69 13.53 -14.03
C PRO D 195 -12.88 14.81 -13.21
N LYS D 196 -13.12 14.69 -11.92
CA LYS D 196 -13.21 15.86 -11.06
C LYS D 196 -11.84 16.52 -10.96
N ILE D 197 -11.78 17.83 -11.21
CA ILE D 197 -10.51 18.55 -11.20
C ILE D 197 -10.71 19.93 -10.58
N GLY D 198 -9.59 20.52 -10.16
CA GLY D 198 -9.54 21.91 -9.78
C GLY D 198 -8.65 22.69 -10.72
N TRP D 199 -8.98 23.97 -10.89
CA TRP D 199 -8.26 24.91 -11.74
C TRP D 199 -7.76 26.10 -10.92
N TRP D 200 -6.66 26.69 -11.37
CA TRP D 200 -6.33 28.07 -11.01
C TRP D 200 -5.61 28.67 -12.22
N VAL D 201 -6.16 29.77 -12.77
CA VAL D 201 -5.59 30.41 -13.94
C VAL D 201 -5.50 31.92 -13.69
N GLY D 202 -4.45 32.54 -14.24
CA GLY D 202 -4.29 33.98 -14.06
C GLY D 202 -2.88 34.40 -14.40
N TRP D 203 -2.41 35.43 -13.71
CA TRP D 203 -1.04 35.89 -13.91
C TRP D 203 -0.52 36.60 -12.66
N VAL D 204 0.80 36.67 -12.59
CA VAL D 204 1.54 37.33 -11.52
C VAL D 204 2.22 38.56 -12.14
N GLU D 205 1.85 39.75 -11.65
CA GLU D 205 2.48 40.98 -12.09
C GLU D 205 3.68 41.30 -11.21
N LEU D 206 4.83 41.49 -11.84
CA LEU D 206 6.05 41.96 -11.19
C LEU D 206 6.38 43.36 -11.69
N ASP D 207 7.40 43.96 -11.09
CA ASP D 207 7.81 45.31 -11.49
C ASP D 207 8.12 45.38 -12.98
N ASP D 208 8.82 44.37 -13.51
CA ASP D 208 9.37 44.46 -14.86
C ASP D 208 9.02 43.25 -15.72
N ASN D 209 8.03 42.45 -15.34
CA ASN D 209 7.63 41.29 -16.12
C ASN D 209 6.27 40.82 -15.63
N VAL D 210 5.65 39.94 -16.40
N VAL D 210 5.64 39.95 -16.42
CA VAL D 210 4.40 39.29 -15.99
CA VAL D 210 4.39 39.29 -16.05
C VAL D 210 4.50 37.82 -16.33
C VAL D 210 4.57 37.80 -16.33
N TRP D 211 4.18 36.96 -15.36
CA TRP D 211 4.18 35.52 -15.53
C TRP D 211 2.74 35.04 -15.54
N PHE D 212 2.29 34.53 -16.70
CA PHE D 212 0.98 33.92 -16.78
C PHE D 212 1.05 32.48 -16.28
N PHE D 213 -0.05 32.01 -15.68
CA PHE D 213 -0.08 30.64 -15.20
C PHE D 213 -1.46 30.02 -15.39
N ALA D 214 -1.45 28.70 -15.56
CA ALA D 214 -2.67 27.90 -15.59
C ALA D 214 -2.33 26.53 -15.04
N MET D 215 -3.08 26.09 -14.03
CA MET D 215 -2.87 24.79 -13.42
C MET D 215 -4.20 24.08 -13.28
N ASN D 216 -4.17 22.75 -13.41
CA ASN D 216 -5.29 21.93 -12.98
C ASN D 216 -4.74 20.66 -12.34
N MET D 217 -5.58 20.03 -11.52
CA MET D 217 -5.18 18.85 -10.77
C MET D 217 -6.41 18.00 -10.48
N ASP D 218 -6.18 16.69 -10.32
CA ASP D 218 -7.28 15.81 -9.91
C ASP D 218 -7.77 16.21 -8.52
N MET D 219 -9.09 16.18 -8.36
CA MET D 219 -9.75 16.69 -7.14
C MET D 219 -10.88 15.75 -6.75
N PRO D 220 -10.54 14.56 -6.23
CA PRO D 220 -11.60 13.60 -5.85
C PRO D 220 -12.51 14.08 -4.74
N THR D 221 -12.01 14.90 -3.81
CA THR D 221 -12.83 15.50 -2.77
C THR D 221 -12.50 16.99 -2.65
N SER D 222 -13.40 17.71 -1.98
CA SER D 222 -13.21 19.14 -1.78
C SER D 222 -12.15 19.47 -0.75
N ASP D 223 -11.67 18.47 0.01
CA ASP D 223 -10.66 18.73 1.04
C ASP D 223 -9.36 19.29 0.45
N GLY D 224 -9.08 19.03 -0.82
CA GLY D 224 -7.83 19.44 -1.44
C GLY D 224 -7.89 20.74 -2.20
N LEU D 225 -8.98 21.50 -2.09
CA LEU D 225 -9.13 22.69 -2.92
C LEU D 225 -8.02 23.70 -2.68
N GLY D 226 -7.53 23.79 -1.44
CA GLY D 226 -6.45 24.74 -1.14
C GLY D 226 -5.15 24.43 -1.85
N LEU D 227 -4.99 23.20 -2.34
CA LEU D 227 -3.76 22.84 -3.05
C LEU D 227 -3.66 23.54 -4.40
N ARG D 228 -4.78 24.00 -4.96
CA ARG D 228 -4.73 24.70 -6.24
C ARG D 228 -3.78 25.89 -6.15
N GLN D 229 -3.97 26.74 -5.14
CA GLN D 229 -3.11 27.91 -4.96
C GLN D 229 -1.77 27.53 -4.34
N ALA D 230 -1.79 26.57 -3.40
CA ALA D 230 -0.58 26.22 -2.66
C ALA D 230 0.48 25.59 -3.57
N ILE D 231 0.07 24.64 -4.42
CA ILE D 231 1.03 24.02 -5.33
C ILE D 231 1.58 25.04 -6.31
N THR D 232 0.70 25.87 -6.89
CA THR D 232 1.15 26.89 -7.82
C THR D 232 2.19 27.79 -7.18
N LYS D 233 1.94 28.24 -5.94
CA LYS D 233 2.86 29.15 -5.28
C LYS D 233 4.18 28.46 -4.94
N GLU D 234 4.16 27.15 -4.66
CA GLU D 234 5.41 26.44 -4.43
C GLU D 234 6.25 26.40 -5.70
N VAL D 235 5.60 26.24 -6.85
CA VAL D 235 6.34 26.31 -8.12
C VAL D 235 6.89 27.71 -8.34
N LEU D 236 6.06 28.74 -8.16
CA LEU D 236 6.52 30.11 -8.33
C LEU D 236 7.69 30.41 -7.41
N LYS D 237 7.64 29.91 -6.17
CA LYS D 237 8.75 30.11 -5.24
C LYS D 237 10.00 29.35 -5.69
N GLN D 238 9.82 28.10 -6.14
CA GLN D 238 10.97 27.32 -6.60
C GLN D 238 11.69 28.03 -7.74
N GLU D 239 10.93 28.63 -8.66
CA GLU D 239 11.50 29.34 -9.79
C GLU D 239 11.87 30.78 -9.45
N LYS D 240 11.80 31.16 -8.19
CA LYS D 240 12.20 32.49 -7.73
C LYS D 240 11.42 33.59 -8.42
N ILE D 241 10.16 33.31 -8.77
CA ILE D 241 9.28 34.35 -9.30
C ILE D 241 8.69 35.18 -8.17
N ILE D 242 8.34 34.54 -7.06
CA ILE D 242 7.90 35.23 -5.85
C ILE D 242 8.78 34.79 -4.70
N PRO D 243 8.89 35.61 -3.63
CA PRO D 243 9.69 35.22 -2.47
C PRO D 243 9.19 33.96 -1.78
C WVV E . -14.93 -14.89 -2.04
O WVV E . -15.15 -15.25 -3.22
C1 WVV E . -13.54 -14.44 -1.70
C10 WVV E . -10.94 -13.63 -1.10
C11 WVV E . -11.91 -13.68 -0.10
C12 WVV E . -13.19 -14.08 -0.41
C2 WVV E . -12.56 -14.38 -2.70
C3 WVV E . -11.26 -13.97 -2.42
C4 WVV E . -10.25 -13.84 -3.51
C5 WVV E . -8.96 -14.32 -3.41
C6 WVV E . -8.01 -14.15 -4.39
C7 WVV E . -8.36 -13.46 -5.53
C8 WVV E . -9.64 -12.98 -5.68
C9 WVV E . -10.58 -13.16 -4.69
F WVV E . -8.61 -15.01 -2.29
O1 WVV E . -15.80 -14.86 -1.14
H5 WVV E . -9.93 -13.31 -0.85
H6 WVV E . -11.64 -13.41 0.91
H7 WVV E . -13.95 -14.12 0.37
H WVV E . -12.83 -14.66 -3.72
H1 WVV E . -7.00 -14.54 -4.26
H2 WVV E . -7.63 -13.31 -6.32
H3 WVV E . -9.92 -12.45 -6.59
H4 WVV E . -11.60 -12.78 -4.80
C1 EDO F . -15.52 -19.30 -15.91
O1 EDO F . -14.84 -19.43 -14.66
C2 EDO F . -14.64 -19.81 -17.04
O2 EDO F . -14.33 -21.20 -16.83
H11 EDO F . -16.46 -19.87 -15.88
H12 EDO F . -15.78 -18.25 -16.08
HO1 EDO F . -15.40 -19.11 -13.94
H21 EDO F . -15.16 -19.70 -18.00
H22 EDO F . -13.72 -19.23 -17.09
HO2 EDO F . -13.77 -21.51 -17.56
C1 EDO G . -25.02 -15.27 -14.95
O1 EDO G . -26.28 -14.91 -14.41
C2 EDO G . -24.78 -16.77 -14.78
O2 EDO G . -25.67 -17.52 -15.61
H11 EDO G . -24.99 -15.02 -16.01
H12 EDO G . -24.23 -14.71 -14.46
HO1 EDO G . -26.43 -13.97 -14.53
H21 EDO G . -23.74 -17.01 -15.02
H22 EDO G . -24.94 -17.04 -13.73
HO2 EDO G . -25.51 -18.47 -15.47
C1 EDO H . -19.34 -27.46 23.68
O1 EDO H . -20.04 -28.68 23.42
C2 EDO H . -18.69 -26.95 22.39
O2 EDO H . -19.72 -26.54 21.49
H11 EDO H . -20.02 -26.70 24.06
H12 EDO H . -18.57 -27.63 24.43
HO1 EDO H . -20.45 -28.99 24.24
H21 EDO H . -18.03 -26.12 22.62
H22 EDO H . -18.11 -27.76 21.94
HO2 EDO H . -19.31 -26.22 20.67
C1 EDO I . -15.72 -8.60 15.32
O1 EDO I . -15.26 -7.33 15.79
C2 EDO I . -16.63 -8.41 14.13
O2 EDO I . -17.37 -7.20 14.29
H11 EDO I . -14.85 -9.22 15.03
H12 EDO I . -16.24 -9.13 16.11
HO1 EDO I . -14.67 -7.45 16.54
H21 EDO I . -16.05 -8.36 13.20
H22 EDO I . -17.33 -9.25 14.05
HO2 EDO I . -17.96 -7.06 13.54
C1 EDO J . -5.32 -13.37 12.81
O1 EDO J . -6.57 -12.81 13.22
C2 EDO J . -4.97 -12.89 11.41
O2 EDO J . -5.09 -11.45 11.34
H11 EDO J . -4.53 -13.08 13.52
H12 EDO J . -5.39 -14.46 12.81
HO1 EDO J . -6.79 -13.13 14.11
H21 EDO J . -3.94 -13.16 11.17
H22 EDO J . -5.62 -13.35 10.68
HO2 EDO J . -4.86 -11.16 10.44
C1 EDO K . -5.30 -14.62 -1.32
O1 EDO K . -4.76 -14.92 -2.62
C2 EDO K . -4.74 -13.29 -0.86
O2 EDO K . -3.33 -13.41 -0.61
H11 EDO K . -6.39 -14.56 -1.39
H12 EDO K . -5.04 -15.41 -0.62
HO1 EDO K . -5.12 -15.77 -2.93
H21 EDO K . -4.91 -12.53 -1.62
H22 EDO K . -5.25 -12.99 0.06
HO2 EDO K . -2.98 -12.56 -0.31
C1 EDO L . -4.29 -3.89 0.34
O1 EDO L . -3.98 -2.51 0.62
C2 EDO L . -5.77 -4.14 0.59
O2 EDO L . -6.55 -3.25 -0.21
H11 EDO L . -4.04 -4.12 -0.69
H12 EDO L . -3.69 -4.53 0.99
HO1 EDO L . -3.04 -2.35 0.46
H21 EDO L . -6.01 -5.18 0.34
H22 EDO L . -6.00 -3.99 1.65
HO2 EDO L . -7.49 -3.41 -0.05
C1 EDO M . -32.49 -11.59 0.24
O1 EDO M . -33.25 -10.57 0.89
C2 EDO M . -33.42 -12.57 -0.46
O2 EDO M . -32.75 -13.23 -1.54
H11 EDO M . -31.81 -11.14 -0.49
H12 EDO M . -31.88 -12.13 0.98
HO1 EDO M . -32.65 -9.95 1.34
H21 EDO M . -33.78 -13.31 0.26
H22 EDO M . -34.28 -12.02 -0.85
HO2 EDO M . -33.34 -13.84 -1.97
C WVV N . 10.50 -15.91 -13.75
O WVV N . 11.54 -16.37 -14.28
C1 WVV N . 9.40 -16.90 -13.39
C10 WVV N . 7.38 -18.67 -12.74
C11 WVV N . 8.65 -19.14 -12.99
C12 WVV N . 9.66 -18.25 -13.32
C2 WVV N . 8.12 -16.43 -13.14
C3 WVV N . 7.09 -17.31 -12.81
C4 WVV N . 5.70 -16.81 -12.60
C5 WVV N . 4.94 -17.13 -11.48
C6 WVV N . 3.65 -16.72 -11.30
C7 WVV N . 3.06 -15.93 -12.28
C8 WVV N . 3.79 -15.57 -13.40
C9 WVV N . 5.09 -16.00 -13.56
F WVV N . 5.49 -17.91 -10.51
O1 WVV N . 10.30 -14.71 -13.49
H5 WVV N . 6.59 -19.38 -12.47
H6 WVV N . 8.86 -20.21 -12.94
H7 WVV N . 10.67 -18.62 -13.53
H WVV N . 7.92 -15.37 -13.19
H1 WVV N . 3.09 -16.99 -10.41
H2 WVV N . 2.03 -15.59 -12.16
H3 WVV N . 3.33 -14.95 -14.16
H4 WVV N . 5.66 -15.72 -14.44
CL CL O . 30.61 -20.42 -15.51
C1 EDO P . 17.50 -32.63 -16.47
O1 EDO P . 17.63 -31.45 -17.28
C2 EDO P . 17.21 -33.82 -17.37
O2 EDO P . 17.88 -33.64 -18.62
H11 EDO P . 18.42 -32.79 -15.92
H12 EDO P . 16.70 -32.50 -15.75
HO1 EDO P . 17.81 -30.69 -16.72
H21 EDO P . 17.56 -34.74 -16.89
H22 EDO P . 16.13 -33.91 -17.53
HO2 EDO P . 17.69 -34.39 -19.20
C1 EDO Q . 4.28 -1.37 -12.13
O1 EDO Q . 4.76 -1.23 -10.78
C2 EDO Q . 5.25 -2.24 -12.92
O2 EDO Q . 5.47 -3.47 -12.23
H11 EDO Q . 3.29 -1.83 -12.12
H12 EDO Q . 4.20 -0.39 -12.59
HO1 EDO Q . 4.13 -0.67 -10.28
H21 EDO Q . 6.20 -1.71 -13.05
H22 EDO Q . 4.84 -2.44 -13.92
HO2 EDO Q . 6.08 -4.02 -12.75
C1 EDO R . 8.94 -31.53 -7.94
O1 EDO R . 8.38 -32.02 -9.17
C2 EDO R . 10.01 -32.48 -7.44
O2 EDO R . 11.02 -32.65 -8.45
H11 EDO R . 9.36 -30.54 -8.11
H12 EDO R . 8.14 -31.44 -7.20
HO1 EDO R . 7.69 -31.43 -9.49
H21 EDO R . 10.48 -32.07 -6.53
H22 EDO R . 9.57 -33.45 -7.19
HO2 EDO R . 11.70 -33.25 -8.12
C1 EDO S . 31.85 -30.68 -1.00
O1 EDO S . 32.56 -29.70 -0.23
C2 EDO S . 30.47 -30.15 -1.35
O2 EDO S . 30.59 -29.08 -2.28
H11 EDO S . 32.41 -30.90 -1.92
H12 EDO S . 31.77 -31.60 -0.43
HO1 EDO S . 33.44 -30.03 -0.02
H21 EDO S . 29.87 -30.96 -1.78
H22 EDO S . 29.97 -29.80 -0.45
HO2 EDO S . 29.71 -28.75 -2.51
C1 EDO T . 1.97 -26.34 -5.38
O1 EDO T . 3.13 -26.39 -6.22
C2 EDO T . 1.92 -27.56 -4.49
O2 EDO T . 2.60 -28.66 -5.11
H11 EDO T . 2.00 -25.44 -4.77
H12 EDO T . 1.07 -26.30 -6.00
HO1 EDO T . 3.15 -25.60 -6.79
H21 EDO T . 2.40 -27.34 -3.52
H22 EDO T . 0.88 -27.84 -4.29
HO2 EDO T . 2.56 -29.43 -4.54
C1 EDO U . 24.82 -27.29 9.92
O1 EDO U . 26.19 -26.89 9.78
C2 EDO U . 24.75 -28.79 10.20
O2 EDO U . 25.78 -29.48 9.47
H11 EDO U . 24.36 -26.74 10.75
H12 EDO U . 24.28 -27.06 9.01
HO1 EDO U . 26.23 -25.93 9.60
H21 EDO U . 23.77 -29.18 9.91
H22 EDO U . 24.89 -28.97 11.28
HO2 EDO U . 25.73 -30.42 9.66
C WVV V . 5.55 5.73 29.47
O WVV V . 6.27 4.81 29.04
C1 WVV V . 4.08 5.42 29.65
C10 WVV V . 1.38 4.84 29.97
C11 WVV V . 1.79 6.15 29.78
C12 WVV V . 3.14 6.44 29.61
C2 WVV V . 3.66 4.11 29.86
C3 WVV V . 2.31 3.80 30.03
C4 WVV V . 1.88 2.40 30.28
C5 WVV V . 0.94 1.75 29.50
C6 WVV V . 0.54 0.45 29.73
C7 WVV V . 1.11 -0.23 30.79
C8 WVV V . 2.05 0.37 31.58
C9 WVV V . 2.44 1.68 31.33
F WVV V . 0.37 2.41 28.47
O1 WVV V . 5.94 6.88 29.76
H5 WVV V . 0.32 4.64 30.10
H6 WVV V . 1.05 6.95 29.74
H7 WVV V . 3.46 7.47 29.45
H WVV V . 4.41 3.32 29.89
H1 WVV V . -0.21 -0.02 29.10
H2 WVV V . 0.80 -1.27 30.99
H3 WVV V . 2.50 -0.17 32.42
H4 WVV V . 3.18 2.16 31.97
CL CL W . 12.30 24.58 23.90
C1 EDO X . -2.82 21.76 31.23
O1 EDO X . -2.48 20.94 32.36
C2 EDO X . -4.27 21.51 30.82
O2 EDO X . -5.13 22.30 31.65
H11 EDO X . -2.68 22.82 31.48
H12 EDO X . -2.16 21.52 30.39
HO1 EDO X . -1.55 21.11 32.61
H21 EDO X . -4.40 21.77 29.78
H22 EDO X . -4.50 20.45 30.95
HO2 EDO X . -6.05 22.14 31.39
C1 EDO Y . -7.31 2.00 29.51
O1 EDO Y . -8.49 1.96 30.33
C2 EDO Y . -7.74 1.94 28.06
O2 EDO Y . -7.42 3.18 27.40
H11 EDO Y . -6.76 2.93 29.70
H12 EDO Y . -6.66 1.15 29.74
HO1 EDO Y . -8.22 1.99 31.26
H21 EDO Y . -7.24 1.11 27.55
H22 EDO Y . -8.82 1.77 27.99
HO2 EDO Y . -7.70 3.13 26.47
C1 EDO Z . 19.44 23.76 18.91
O1 EDO Z . 19.52 24.30 17.60
C2 EDO Z . 20.81 23.21 19.32
O2 EDO Z . 21.15 22.08 18.51
H11 EDO Z . 19.13 24.53 19.61
H12 EDO Z . 18.70 22.95 18.94
HO1 EDO Z . 18.66 24.65 17.33
H21 EDO Z . 21.57 23.99 19.22
H22 EDO Z . 20.78 22.91 20.38
HO2 EDO Z . 22.02 21.74 18.79
C1 EDO AA . 20.65 9.00 8.93
O1 EDO AA . 19.58 9.62 8.23
C2 EDO AA . 20.73 7.53 8.54
O2 EDO AA . 19.59 6.85 9.09
H11 EDO AA . 21.59 9.49 8.67
H12 EDO AA . 20.50 9.09 10.01
HO1 EDO AA . 19.52 10.55 8.47
H21 EDO AA . 21.65 7.09 8.93
H22 EDO AA . 20.73 7.44 7.46
HO2 EDO AA . 19.63 5.91 8.84
C1 EDO BA . 0.41 26.16 11.61
O1 EDO BA . 1.64 25.97 12.31
C2 EDO BA . 0.54 27.38 10.69
O2 EDO BA . 1.71 27.26 9.88
H11 EDO BA . 0.18 25.28 11.01
H12 EDO BA . -0.41 26.32 12.31
HO1 EDO BA . 1.56 25.20 12.89
H21 EDO BA . -0.35 27.45 10.05
H22 EDO BA . 0.60 28.28 11.29
HO2 EDO BA . 1.78 28.03 9.31
C1 EDO CA . 6.14 11.44 33.87
O1 EDO CA . 6.70 11.87 32.63
C2 EDO CA . 6.06 9.92 33.90
O2 EDO CA . 5.75 9.43 32.59
H11 EDO CA . 6.76 11.78 34.70
H12 EDO CA . 5.15 11.86 34.01
HO1 EDO CA . 6.75 12.84 32.62
H21 EDO CA . 7.00 9.50 34.24
H22 EDO CA . 5.28 9.59 34.60
HO2 EDO CA . 5.70 8.46 32.61
C WVV DA . -13.74 27.67 -4.28
O WVV DA . -13.21 27.19 -5.31
C1 WVV DA . -15.21 27.42 -4.07
C10 WVV DA . -17.92 26.91 -3.68
C11 WVV DA . -17.47 28.21 -3.87
C12 WVV DA . -16.12 28.46 -4.06
C2 WVV DA . -15.67 26.12 -3.87
C3 WVV DA . -17.02 25.84 -3.68
C4 WVV DA . -17.49 24.45 -3.46
C5 WVV DA . -18.47 23.85 -4.22
C6 WVV DA . -18.90 22.55 -4.03
C7 WVV DA . -18.32 21.82 -3.02
C8 WVV DA . -17.34 22.37 -2.23
C9 WVV DA . -16.92 23.67 -2.45
F WVV DA . -19.05 24.57 -5.22
O1 WVV DA . -13.14 28.36 -3.42
H5 WVV DA . -18.98 26.73 -3.53
H6 WVV DA . -18.19 29.03 -3.87
H7 WVV DA . -15.77 29.48 -4.21
H WVV DA . -14.94 25.30 -3.88
H1 WVV DA . -19.68 22.12 -4.66
H2 WVV DA . -18.65 20.80 -2.84
H3 WVV DA . -16.88 21.78 -1.43
H4 WVV DA . -16.14 24.10 -1.82
C1 EDO EA . -22.12 43.62 -2.57
O1 EDO EA . -22.04 43.08 -1.25
C2 EDO EA . -23.57 43.69 -3.01
O2 EDO EA . -24.38 44.23 -1.96
H11 EDO EA . -21.68 44.62 -2.58
H12 EDO EA . -21.55 43.00 -3.27
HO1 EDO EA . -21.11 43.04 -0.98
H21 EDO EA . -23.67 44.31 -3.91
H22 EDO EA . -23.93 42.68 -3.26
HO2 EDO EA . -25.30 44.28 -2.24
C1 EDO FA . -12.11 42.74 -0.79
O1 EDO FA . -13.35 42.75 -0.09
C2 EDO FA . -11.76 41.31 -1.21
O2 EDO FA . -11.50 41.25 -2.61
H11 EDO FA . -12.18 43.37 -1.69
H12 EDO FA . -11.32 43.14 -0.16
HO1 EDO FA . -13.58 43.66 0.16
H21 EDO FA . -10.88 40.98 -0.65
H22 EDO FA . -12.58 40.64 -0.96
HO2 EDO FA . -11.28 40.34 -2.85
C1 EDO GA . 1.37 45.40 -14.47
O1 EDO GA . 1.61 44.25 -15.27
C2 EDO GA . -0.05 45.92 -14.73
O2 EDO GA . -0.13 46.47 -16.04
H11 EDO GA . 1.48 45.15 -13.41
H12 EDO GA . 2.09 46.19 -14.71
HO1 EDO GA . 2.51 43.93 -15.10
H21 EDO GA . -0.76 45.10 -14.62
H22 EDO GA . -0.31 46.68 -13.99
HO2 EDO GA . -1.03 46.80 -16.20
C1 EDO HA . -19.10 48.17 -22.02
O1 EDO HA . -17.87 48.14 -21.29
C2 EDO HA . -19.13 49.37 -22.93
O2 EDO HA . -17.97 49.38 -23.76
H11 EDO HA . -19.18 47.24 -22.61
H12 EDO HA . -19.94 48.20 -21.32
HO1 EDO HA . -17.86 47.37 -20.69
H21 EDO HA . -20.03 49.34 -23.57
H22 EDO HA . -19.18 50.29 -22.34
HO2 EDO HA . -17.99 50.14 -24.35
C1 EDO IA . -26.25 24.52 -5.25
O1 EDO IA . -25.11 24.01 -4.54
C2 EDO IA . -27.52 23.91 -4.67
O2 EDO IA . -27.50 24.03 -3.24
H11 EDO IA . -26.29 25.61 -5.16
H12 EDO IA . -26.17 24.27 -6.31
HO1 EDO IA . -24.30 24.40 -4.89
H21 EDO IA . -28.40 24.44 -5.07
H22 EDO IA . -27.59 22.86 -4.96
HO2 EDO IA . -28.32 23.64 -2.88
C1 EDO JA . 0.58 29.87 -24.33
O1 EDO JA . -0.09 29.03 -25.27
C2 EDO JA . 1.13 31.10 -25.04
O2 EDO JA . 0.06 31.90 -25.52
H11 EDO JA . -0.12 30.18 -23.55
H12 EDO JA . 1.39 29.31 -23.85
HO1 EDO JA . -0.45 28.25 -24.82
H21 EDO JA . 1.75 31.68 -24.34
H22 EDO JA . 1.77 30.79 -25.87
HO2 EDO JA . 0.42 32.68 -25.97
#